data_8XXV
#
_entry.id   8XXV
#
loop_
_entity.id
_entity.type
_entity.pdbx_description
1 polymer 'Prostaglandin D2 receptor 2'
2 polymer 'Guanine nucleotide-binding protein G(i) subunit alpha-1'
3 polymer 'Guanine nucleotide-binding protein G(I)/G(S)/G(T) subunit beta-1'
4 polymer 'Guanine nucleotide-binding protein G(I)/G(S)/G(O) subunit gamma-2'
5 polymer scFv16
6 non-polymer '[(2~{R})-1-hexadecanoyloxy-3-[oxidanyl-[(2~{S},3~{R},5~{R},6~{S})-2,3,4,5,6-pentakis(oxidanyl)cyclohexyl]oxy-phosphoryl]oxy-propan-2-yl] (~{Z})-octadec-9-enoate'
7 non-polymer INDOMETHACIN
8 water water
#
loop_
_entity_poly.entity_id
_entity_poly.type
_entity_poly.pdbx_seq_one_letter_code
_entity_poly.pdbx_strand_id
1 'polypeptide(L)'
;MSANATLKPLCPILEQMSRLQSHSNTSIRYIDHAAVLLHGLASLLGLVENGVILFVVGCRMRQTVVTTWVLHLALSDLLA
SASLPFFTYFLAVGHSWELGTTFCKLHSSIFFLNMFASGFLLSAISLDRCLQVVRPVWAQNHRTVAAAHKVCLVLWALAV
LNTVPYFVFRDTISRLDGRIMCYYNVLLLNPGPDRDATCNSRQVALAVSKFLLAFLVPLAIIASSHAAVSLRLQHRGRRR
PGRFVRLVAAVVAAFALCWGPYHVFSLLEARAHANPGLRPLVWRGLPFVTSLAFFNSVANPVLYVLTCPDMLRKLRRSLR
TVLESVLVDDSELGGAGSSRRRRTSSTA
;
A
2 'polypeptide(L)'
;MGCTLSAEDKAAVERSKMIDRNLREDGEKAAREVKLLLLGAGESGKNTIVKQMKIIHEAGYSEEECKQYKAVVYSNTIQS
IIAIIRAMGRLKIDFGDSARADDARQLFVLAGAAEEGFMTAELAGVIKRLWKDSGVQACFNRSREYQLNDSAAYYLNDLD
RIAQPNYIPTQQDVLRTRVKTTGIVETHFTFKDLHFKMFDVGAQRSERKKWIHCFEGVTAIIFCVALSDYDLVLAEDEEM
NRMHASMKLFDSICNNKWFTDTSIILFLNKKDLFEEKIKKSPLTICYPEYAGSNTYEEAAAYIQCQFEDLNKRKDTKEIY
THFTCSTDTKNVQFVFDAVTDVIIKNNLKDCGLF
;
B
3 'polypeptide(L)'
;MGSLLQSELDQLRQEAEQLKNQIRDARKACADATLSQITNNIDPVGRIQMRTRRTLRGHLAKIYAMHWGTDSRLLVSASQ
DGKLIIWDSYTTNKVHAIPLRSSWVMTCAYAPSGNYVACGGLDNICSIYNLKTREGNVRVSRELAGHTGYLSCCRFLDDN
QIVTSSGDTTCALWDIETGQQTTTFTGHTGDVMSLSLAPDTRLFVSGACDASAKLWDVREGMCRQTFTGHESDINAICFF
PNGNAFATGSDDATCRLFDLRADQELMTYSHDNIICGITSVSFSKSGRLLLAGYDDFNCNVWDALKADRAGVLAGHDNRV
SCLGVTDDGMAVATGSWDSFLKIWN
;
C
4 'polypeptide(L)' MASNNTASIAQARKLVEQLKMEANIDRIKVSKAAADLMAYCEAHAKEDPLLTPVPASENPFREKKFFCAIL D
5 'polypeptide(L)'
;VQLVESGGGLVQPGGSRKLSCSASGFAFSSFGMHWVRQAPEKGLEWVAYISSGSGTIYYADTVKGRFTISRDDPKNTLFL
QMTSLRSEDTAMYYCVRSIYYYGSSPFDFWGQGTTLTVSAGGGGSGGGGSGGGGSADIVMTQATSSVPVTPGESVSISCR
SSKSLLHSNGNTYLYWFLQRPGQSPQLLIYRMSNLASGVPDRFSGSGSGTAFTLTISRLEAEDVGVYYCMQHLEYPLTFG
AGTKLEL
;
E
#
loop_
_chem_comp.id
_chem_comp.type
_chem_comp.name
_chem_comp.formula
A1D5Q non-polymer '[(2~{R})-1-hexadecanoyloxy-3-[oxidanyl-[(2~{S},3~{R},5~{R},6~{S})-2,3,4,5,6-pentakis(oxidanyl)cyclohexyl]oxy-phosphoryl]oxy-propan-2-yl] (~{Z})-octadec-9-enoate' 'C43 H81 O13 P'
IMN non-polymer INDOMETHACIN 'C19 H16 Cl N O4'
#
# COMPACT_ATOMS: atom_id res chain seq x y z
N LEU A 10 18.89 -52.32 28.76
CA LEU A 10 17.96 -52.31 27.63
C LEU A 10 16.58 -52.79 28.07
N CYS A 11 15.56 -51.98 27.81
CA CYS A 11 14.21 -52.37 28.20
C CYS A 11 13.74 -53.55 27.38
N PRO A 12 12.76 -54.32 27.86
CA PRO A 12 12.30 -55.50 27.11
C PRO A 12 11.90 -55.20 25.68
N ILE A 13 11.31 -54.03 25.43
CA ILE A 13 10.85 -53.69 24.08
C ILE A 13 12.04 -53.67 23.12
N LEU A 14 13.13 -53.02 23.52
CA LEU A 14 14.29 -52.95 22.65
C LEU A 14 14.93 -54.33 22.46
N GLU A 15 15.00 -55.12 23.54
CA GLU A 15 15.56 -56.46 23.42
C GLU A 15 14.75 -57.33 22.47
N GLN A 16 13.42 -57.16 22.45
CA GLN A 16 12.58 -57.92 21.53
C GLN A 16 12.71 -57.40 20.11
N MET A 17 12.75 -56.08 19.93
CA MET A 17 12.92 -55.53 18.59
C MET A 17 14.26 -55.91 17.98
N SER A 18 15.29 -56.10 18.82
CA SER A 18 16.59 -56.49 18.31
C SER A 18 16.52 -57.82 17.57
N ARG A 19 15.62 -58.72 17.99
CA ARG A 19 15.44 -60.01 17.34
C ARG A 19 14.14 -60.05 16.52
N LEU A 20 13.74 -58.90 15.97
CA LEU A 20 12.52 -58.85 15.17
C LEU A 20 12.62 -59.78 13.97
N GLN A 21 11.51 -60.41 13.63
CA GLN A 21 11.42 -61.34 12.51
C GLN A 21 10.47 -60.83 11.44
N SER A 22 10.59 -59.56 11.05
CA SER A 22 9.63 -58.94 10.10
C SER A 22 10.04 -59.05 8.64
N HIS A 23 10.92 -58.17 8.18
CA HIS A 23 11.16 -57.97 6.75
C HIS A 23 12.04 -59.07 6.19
N SER A 24 11.77 -59.52 4.97
CA SER A 24 12.51 -60.66 4.43
C SER A 24 13.14 -60.50 3.05
N ASN A 25 13.47 -61.62 2.40
CA ASN A 25 14.10 -61.57 1.08
C ASN A 25 13.47 -62.44 -0.02
N THR A 26 13.37 -61.93 -1.25
CA THR A 26 12.76 -62.61 -2.38
C THR A 26 12.90 -61.71 -3.60
N SER A 27 12.62 -62.29 -4.78
CA SER A 27 12.73 -61.52 -6.01
C SER A 27 11.61 -60.50 -6.13
N ILE A 28 10.39 -60.87 -5.77
CA ILE A 28 9.25 -59.97 -5.88
C ILE A 28 9.30 -58.91 -4.78
N ARG A 29 8.60 -57.82 -5.02
CA ARG A 29 8.53 -56.71 -4.07
C ARG A 29 7.40 -56.95 -3.07
N TYR A 30 7.66 -56.63 -1.81
CA TYR A 30 6.68 -56.81 -0.75
C TYR A 30 5.70 -55.65 -0.78
N HIS A 33 5.55 -53.34 2.40
CA HIS A 33 6.45 -52.20 2.52
C HIS A 33 6.00 -51.05 1.63
N ALA A 34 5.51 -51.37 0.42
CA ALA A 34 5.03 -50.31 -0.47
C ALA A 34 3.83 -49.59 0.12
N ALA A 35 3.01 -50.28 0.91
CA ALA A 35 1.87 -49.64 1.55
C ALA A 35 2.31 -48.44 2.37
N VAL A 36 3.44 -48.58 3.09
CA VAL A 36 3.94 -47.47 3.90
C VAL A 36 4.77 -46.52 3.04
N LEU A 37 5.49 -47.05 2.04
CA LEU A 37 6.33 -46.22 1.20
C LEU A 37 5.52 -45.28 0.30
N LEU A 38 4.24 -45.56 0.09
CA LEU A 38 3.41 -44.74 -0.77
C LEU A 38 3.29 -43.29 -0.30
N HIS A 39 3.75 -42.97 0.91
CA HIS A 39 3.59 -41.62 1.45
C HIS A 39 4.39 -40.58 0.67
N GLY A 40 5.17 -40.99 -0.34
CA GLY A 40 5.93 -40.01 -1.11
C GLY A 40 5.04 -39.04 -1.85
N LEU A 41 3.93 -39.52 -2.40
CA LEU A 41 3.01 -38.64 -3.10
C LEU A 41 2.42 -37.60 -2.15
N ALA A 42 1.99 -38.04 -0.97
CA ALA A 42 1.45 -37.10 0.01
C ALA A 42 2.52 -36.10 0.44
N SER A 43 3.75 -36.56 0.64
CA SER A 43 4.83 -35.65 1.02
C SER A 43 5.06 -34.59 -0.05
N LEU A 44 5.11 -35.01 -1.31
CA LEU A 44 5.33 -34.06 -2.41
C LEU A 44 4.18 -33.07 -2.50
N LEU A 45 2.95 -33.55 -2.40
CA LEU A 45 1.80 -32.65 -2.45
C LEU A 45 1.84 -31.64 -1.32
N GLY A 46 2.14 -32.10 -0.11
CA GLY A 46 2.22 -31.19 1.02
C GLY A 46 3.31 -30.15 0.83
N LEU A 47 4.49 -30.59 0.39
CA LEU A 47 5.58 -29.65 0.13
C LEU A 47 5.16 -28.58 -0.87
N VAL A 48 4.59 -29.01 -2.01
CA VAL A 48 4.21 -28.05 -3.05
C VAL A 48 3.18 -27.08 -2.52
N GLU A 49 2.13 -27.59 -1.89
CA GLU A 49 1.05 -26.73 -1.39
C GLU A 49 1.58 -25.73 -0.38
N ASN A 50 2.37 -26.21 0.59
CA ASN A 50 2.89 -25.33 1.62
C ASN A 50 3.77 -24.24 1.02
N GLY A 51 4.69 -24.63 0.14
CA GLY A 51 5.54 -23.64 -0.50
C GLY A 51 4.75 -22.60 -1.26
N VAL A 52 3.77 -23.05 -2.04
CA VAL A 52 2.98 -22.13 -2.85
C VAL A 52 2.23 -21.15 -1.96
N ILE A 53 1.51 -21.66 -0.96
CA ILE A 53 0.70 -20.79 -0.11
C ILE A 53 1.59 -19.83 0.66
N LEU A 54 2.74 -20.31 1.15
CA LEU A 54 3.64 -19.44 1.89
C LEU A 54 4.16 -18.31 1.00
N PHE A 55 4.69 -18.66 -0.18
CA PHE A 55 5.19 -17.64 -1.09
C PHE A 55 4.11 -16.62 -1.44
N VAL A 56 2.88 -17.10 -1.70
CA VAL A 56 1.81 -16.19 -2.09
C VAL A 56 1.48 -15.25 -0.94
N VAL A 57 1.14 -15.81 0.23
CA VAL A 57 0.73 -14.98 1.35
C VAL A 57 1.86 -14.10 1.84
N GLY A 58 3.11 -14.40 1.48
CA GLY A 58 4.22 -13.57 1.90
C GLY A 58 4.56 -12.46 0.95
N CYS A 59 4.53 -12.73 -0.36
CA CYS A 59 4.93 -11.76 -1.36
C CYS A 59 3.80 -11.34 -2.29
N ARG A 60 2.55 -11.68 -1.96
CA ARG A 60 1.41 -11.31 -2.79
C ARG A 60 0.24 -10.72 -2.02
N MET A 61 0.14 -10.94 -0.71
CA MET A 61 -0.97 -10.47 0.09
C MET A 61 -0.46 -9.63 1.25
N ARG A 62 -1.32 -8.75 1.74
CA ARG A 62 -0.97 -7.89 2.85
C ARG A 62 -0.80 -8.71 4.12
N GLN A 63 -0.02 -8.16 5.06
CA GLN A 63 0.27 -8.82 6.32
C GLN A 63 -0.84 -8.51 7.32
N THR A 64 -1.53 -9.56 7.78
CA THR A 64 -2.58 -9.43 8.77
C THR A 64 -2.43 -10.56 9.78
N VAL A 65 -3.42 -10.72 10.66
CA VAL A 65 -3.35 -11.75 11.68
C VAL A 65 -3.64 -13.12 11.09
N VAL A 66 -4.76 -13.25 10.37
CA VAL A 66 -5.10 -14.52 9.75
C VAL A 66 -4.02 -14.94 8.77
N THR A 67 -3.49 -13.98 8.00
CA THR A 67 -2.41 -14.28 7.07
C THR A 67 -1.17 -14.75 7.82
N THR A 68 -0.89 -14.15 8.98
CA THR A 68 0.25 -14.58 9.78
C THR A 68 0.07 -16.01 10.27
N TRP A 69 -1.11 -16.35 10.77
CA TRP A 69 -1.38 -17.71 11.20
C TRP A 69 -1.24 -18.69 10.04
N VAL A 70 -1.75 -18.31 8.86
CA VAL A 70 -1.63 -19.18 7.69
C VAL A 70 -0.17 -19.37 7.31
N LEU A 71 0.62 -18.30 7.37
CA LEU A 71 2.04 -18.41 7.03
C LEU A 71 2.75 -19.33 8.01
N HIS A 72 2.49 -19.18 9.30
CA HIS A 72 3.14 -20.04 10.29
C HIS A 72 2.72 -21.50 10.11
N LEU A 73 1.44 -21.74 9.84
CA LEU A 73 0.98 -23.11 9.63
C LEU A 73 1.63 -23.71 8.38
N ALA A 74 1.73 -22.93 7.30
CA ALA A 74 2.36 -23.43 6.09
C ALA A 74 3.84 -23.70 6.31
N LEU A 75 4.53 -22.84 7.08
CA LEU A 75 5.93 -23.07 7.38
C LEU A 75 6.11 -24.35 8.19
N SER A 76 5.25 -24.57 9.19
CA SER A 76 5.34 -25.79 9.98
C SER A 76 5.09 -27.02 9.12
N ASP A 77 4.08 -26.97 8.26
CA ASP A 77 3.78 -28.10 7.39
C ASP A 77 4.95 -28.37 6.44
N LEU A 78 5.57 -27.30 5.92
CA LEU A 78 6.69 -27.47 5.00
C LEU A 78 7.88 -28.09 5.72
N LEU A 79 8.20 -27.61 6.93
CA LEU A 79 9.30 -28.18 7.69
C LEU A 79 9.02 -29.63 8.06
N ALA A 80 7.76 -29.98 8.29
CA ALA A 80 7.41 -31.37 8.60
C ALA A 80 7.57 -32.26 7.37
N SER A 81 7.12 -31.77 6.21
CA SER A 81 7.16 -32.58 4.99
C SER A 81 8.56 -32.67 4.40
N ALA A 82 9.44 -31.71 4.69
CA ALA A 82 10.78 -31.74 4.13
C ALA A 82 11.63 -32.90 4.62
N SER A 83 11.26 -33.51 5.75
CA SER A 83 12.01 -34.64 6.29
C SER A 83 11.45 -36.00 5.87
N LEU A 84 10.38 -36.01 5.08
CA LEU A 84 9.76 -37.25 4.64
C LEU A 84 10.66 -38.03 3.68
N PRO A 85 11.34 -37.36 2.75
CA PRO A 85 12.28 -38.09 1.87
C PRO A 85 13.32 -38.89 2.63
N PHE A 86 13.76 -38.39 3.78
CA PHE A 86 14.72 -39.13 4.59
C PHE A 86 14.12 -40.44 5.10
N PHE A 87 12.87 -40.39 5.57
CA PHE A 87 12.19 -41.61 5.99
C PHE A 87 11.93 -42.55 4.82
N THR A 88 11.65 -41.99 3.64
CA THR A 88 11.49 -42.82 2.45
C THR A 88 12.79 -43.57 2.15
N TYR A 89 13.92 -42.87 2.20
CA TYR A 89 15.20 -43.54 1.99
C TYR A 89 15.47 -44.58 3.08
N PHE A 90 15.15 -44.25 4.33
CA PHE A 90 15.33 -45.20 5.42
C PHE A 90 14.55 -46.49 5.13
N LEU A 91 13.31 -46.37 4.69
CA LEU A 91 12.53 -47.55 4.34
C LEU A 91 13.15 -48.26 3.14
N ALA A 92 13.70 -47.51 2.18
CA ALA A 92 14.30 -48.13 1.01
C ALA A 92 15.47 -49.04 1.41
N VAL A 93 16.24 -48.64 2.42
CA VAL A 93 17.37 -49.45 2.86
C VAL A 93 16.89 -50.74 3.53
N GLY A 94 15.62 -50.82 3.91
CA GLY A 94 15.10 -52.00 4.56
C GLY A 94 14.93 -51.81 6.06
N HIS A 95 14.42 -50.65 6.46
CA HIS A 95 14.19 -50.34 7.87
C HIS A 95 15.51 -50.40 8.66
N SER A 96 16.52 -49.72 8.13
CA SER A 96 17.83 -49.66 8.78
C SER A 96 18.41 -48.27 8.57
N TRP A 97 18.88 -47.66 9.67
CA TRP A 97 19.44 -46.31 9.59
C TRP A 97 20.90 -46.38 9.15
N GLU A 98 21.23 -45.59 8.12
CA GLU A 98 22.59 -45.57 7.60
C GLU A 98 23.48 -44.57 8.34
N LEU A 99 22.91 -43.49 8.85
CA LEU A 99 23.67 -42.48 9.57
C LEU A 99 23.66 -42.76 11.07
N GLY A 100 24.39 -41.94 11.81
CA GLY A 100 24.52 -42.08 13.24
C GLY A 100 23.47 -41.29 14.01
N THR A 101 23.86 -40.85 15.21
CA THR A 101 22.94 -40.09 16.06
C THR A 101 22.56 -38.76 15.43
N THR A 102 23.49 -38.13 14.70
CA THR A 102 23.20 -36.85 14.08
C THR A 102 22.01 -36.90 13.13
N PHE A 103 21.54 -38.08 12.77
CA PHE A 103 20.38 -38.25 11.91
C PHE A 103 19.09 -38.41 12.71
N CYS A 104 19.02 -39.43 13.58
CA CYS A 104 17.79 -39.68 14.33
C CYS A 104 17.51 -38.57 15.32
N LYS A 105 18.55 -37.98 15.92
CA LYS A 105 18.35 -36.85 16.81
C LYS A 105 17.57 -35.74 16.11
N LEU A 106 18.09 -35.27 14.97
CA LEU A 106 17.42 -34.20 14.23
C LEU A 106 16.06 -34.64 13.73
N HIS A 107 15.91 -35.92 13.36
CA HIS A 107 14.61 -36.38 12.84
C HIS A 107 13.55 -36.34 13.91
N SER A 108 13.85 -36.83 15.09
CA SER A 108 12.89 -36.76 16.19
C SER A 108 12.64 -35.33 16.62
N SER A 109 13.70 -34.51 16.72
CA SER A 109 13.53 -33.13 17.13
C SER A 109 12.58 -32.40 16.19
N ILE A 110 12.84 -32.49 14.88
CA ILE A 110 12.02 -31.78 13.90
C ILE A 110 10.60 -32.31 13.91
N PHE A 111 10.45 -33.64 14.01
CA PHE A 111 9.11 -34.23 14.01
C PHE A 111 8.28 -33.71 15.19
N PHE A 112 8.81 -33.82 16.40
CA PHE A 112 8.07 -33.37 17.57
C PHE A 112 7.84 -31.86 17.54
N LEU A 113 8.82 -31.11 17.03
CA LEU A 113 8.67 -29.66 16.95
C LEU A 113 7.52 -29.30 16.01
N ASN A 114 7.46 -29.93 14.84
CA ASN A 114 6.37 -29.66 13.91
C ASN A 114 5.03 -30.09 14.50
N MET A 115 4.99 -31.24 15.19
CA MET A 115 3.74 -31.69 15.79
C MET A 115 3.24 -30.66 16.81
N PHE A 116 4.09 -30.27 17.76
CA PHE A 116 3.68 -29.32 18.77
C PHE A 116 3.32 -27.97 18.15
N ALA A 117 4.06 -27.56 17.11
CA ALA A 117 3.75 -26.28 16.47
C ALA A 117 2.39 -26.31 15.79
N SER A 118 2.09 -27.38 15.06
CA SER A 118 0.78 -27.49 14.44
C SER A 118 -0.33 -27.51 15.48
N GLY A 119 -0.14 -28.28 16.56
CA GLY A 119 -1.15 -28.30 17.61
C GLY A 119 -1.39 -26.93 18.21
N PHE A 120 -0.32 -26.23 18.57
CA PHE A 120 -0.45 -24.92 19.18
C PHE A 120 -1.06 -23.92 18.22
N LEU A 121 -0.71 -24.00 16.93
CA LEU A 121 -1.28 -23.08 15.95
C LEU A 121 -2.77 -23.33 15.78
N LEU A 122 -3.19 -24.59 15.72
CA LEU A 122 -4.62 -24.88 15.63
C LEU A 122 -5.35 -24.38 16.87
N SER A 123 -4.79 -24.63 18.05
CA SER A 123 -5.43 -24.15 19.28
C SER A 123 -5.54 -22.63 19.30
N ALA A 124 -4.50 -21.94 18.85
CA ALA A 124 -4.51 -20.48 18.86
C ALA A 124 -5.50 -19.93 17.84
N ILE A 125 -5.60 -20.57 16.68
CA ILE A 125 -6.57 -20.14 15.68
C ILE A 125 -7.99 -20.32 16.22
N SER A 126 -8.24 -21.45 16.88
CA SER A 126 -9.57 -21.68 17.46
C SER A 126 -9.88 -20.65 18.54
N LEU A 127 -8.90 -20.36 19.40
CA LEU A 127 -9.13 -19.35 20.44
C LEU A 127 -9.38 -17.97 19.83
N ASP A 128 -8.65 -17.63 18.77
CA ASP A 128 -8.84 -16.35 18.12
C ASP A 128 -10.23 -16.26 17.50
N ARG A 129 -10.68 -17.33 16.84
CA ARG A 129 -12.04 -17.32 16.28
C ARG A 129 -13.08 -17.19 17.38
N CYS A 130 -12.89 -17.91 18.49
CA CYS A 130 -13.84 -17.81 19.60
C CYS A 130 -13.89 -16.39 20.15
N LEU A 131 -12.72 -15.74 20.29
CA LEU A 131 -12.69 -14.38 20.81
C LEU A 131 -13.34 -13.41 19.83
N GLN A 132 -13.09 -13.59 18.53
CA GLN A 132 -13.70 -12.70 17.54
C GLN A 132 -15.22 -12.87 17.50
N VAL A 133 -15.71 -14.08 17.74
CA VAL A 133 -17.15 -14.30 17.71
C VAL A 133 -17.81 -13.86 19.00
N VAL A 134 -17.10 -13.95 20.13
CA VAL A 134 -17.66 -13.59 21.42
C VAL A 134 -17.26 -12.16 21.82
N ARG A 135 -16.01 -11.79 21.57
CA ARG A 135 -15.49 -10.47 21.93
C ARG A 135 -15.02 -9.76 20.66
N PRO A 136 -15.95 -9.30 19.82
CA PRO A 136 -15.53 -8.62 18.59
C PRO A 136 -14.90 -7.26 18.85
N VAL A 137 -15.47 -6.47 19.76
CA VAL A 137 -14.94 -5.14 20.02
C VAL A 137 -13.54 -5.23 20.61
N TRP A 138 -13.37 -6.04 21.66
CA TRP A 138 -12.06 -6.18 22.29
C TRP A 138 -11.05 -6.72 21.30
N ALA A 139 -11.45 -7.68 20.46
CA ALA A 139 -10.54 -8.22 19.46
C ALA A 139 -10.10 -7.13 18.49
N GLN A 140 -11.06 -6.43 17.88
CA GLN A 140 -10.72 -5.38 16.92
C GLN A 140 -9.89 -4.28 17.56
N ASN A 141 -10.02 -4.08 18.87
CA ASN A 141 -9.26 -3.04 19.55
C ASN A 141 -7.87 -3.49 19.97
N HIS A 142 -7.64 -4.78 19.98
CA HIS A 142 -6.47 -5.31 20.58
C HIS A 142 -5.80 -6.35 19.77
N ARG A 143 -6.50 -7.09 19.00
CA ARG A 143 -5.92 -8.09 18.12
C ARG A 143 -5.15 -7.39 16.99
N THR A 144 -3.84 -7.57 16.96
CA THR A 144 -2.97 -6.95 15.98
C THR A 144 -2.00 -7.98 15.42
N VAL A 145 -1.25 -7.57 14.41
CA VAL A 145 -0.27 -8.47 13.79
C VAL A 145 0.90 -8.70 14.73
N ALA A 146 1.33 -7.67 15.46
CA ALA A 146 2.45 -7.83 16.37
C ALA A 146 2.13 -8.83 17.47
N ALA A 147 0.93 -8.72 18.05
CA ALA A 147 0.53 -9.69 19.08
C ALA A 147 0.46 -11.09 18.52
N ALA A 148 -0.03 -11.24 17.28
CA ALA A 148 -0.09 -12.56 16.67
C ALA A 148 1.30 -13.15 16.49
N HIS A 149 2.25 -12.34 16.00
CA HIS A 149 3.62 -12.82 15.84
C HIS A 149 4.24 -13.18 17.19
N LYS A 150 3.97 -12.39 18.22
CA LYS A 150 4.51 -12.70 19.55
C LYS A 150 3.94 -14.01 20.07
N VAL A 151 2.64 -14.22 19.91
CA VAL A 151 2.03 -15.47 20.36
C VAL A 151 2.61 -16.65 19.58
N CYS A 152 2.81 -16.47 18.28
CA CYS A 152 3.39 -17.54 17.47
C CYS A 152 4.80 -17.87 17.93
N LEU A 153 5.60 -16.84 18.22
CA LEU A 153 6.96 -17.09 18.70
C LEU A 153 6.95 -17.80 20.05
N VAL A 154 6.03 -17.40 20.95
CA VAL A 154 5.94 -18.07 22.25
C VAL A 154 5.56 -19.52 22.08
N LEU A 155 4.60 -19.81 21.19
CA LEU A 155 4.20 -21.18 20.96
C LEU A 155 5.32 -22.01 20.36
N TRP A 156 6.07 -21.43 19.42
CA TRP A 156 7.21 -22.14 18.85
C TRP A 156 8.28 -22.41 19.91
N ALA A 157 8.50 -21.45 20.81
CA ALA A 157 9.46 -21.65 21.89
C ALA A 157 9.01 -22.79 22.80
N LEU A 158 7.72 -22.82 23.15
CA LEU A 158 7.20 -23.90 23.98
C LEU A 158 7.35 -25.24 23.27
N ALA A 159 7.08 -25.27 21.96
CA ALA A 159 7.24 -26.51 21.21
C ALA A 159 8.68 -26.99 21.23
N VAL A 160 9.64 -26.08 20.98
CA VAL A 160 11.04 -26.44 21.02
C VAL A 160 11.43 -26.94 22.40
N LEU A 161 10.91 -26.32 23.45
CA LEU A 161 11.19 -26.77 24.80
C LEU A 161 10.66 -28.18 25.03
N ASN A 162 9.48 -28.48 24.49
CA ASN A 162 8.90 -29.81 24.65
C ASN A 162 9.65 -30.88 23.85
N THR A 163 10.66 -30.51 23.07
CA THR A 163 11.41 -31.46 22.27
C THR A 163 12.71 -31.90 22.92
N VAL A 164 13.12 -31.27 24.03
CA VAL A 164 14.39 -31.64 24.67
C VAL A 164 14.35 -33.07 25.18
N PRO A 165 13.29 -33.54 25.84
CA PRO A 165 13.31 -34.94 26.31
C PRO A 165 13.52 -35.94 25.19
N TYR A 166 12.75 -35.85 24.12
CA TYR A 166 12.92 -36.79 23.01
C TYR A 166 14.27 -36.62 22.32
N PHE A 167 14.76 -35.38 22.24
CA PHE A 167 16.08 -35.16 21.68
C PHE A 167 17.17 -35.83 22.51
N VAL A 168 16.94 -35.86 23.81
CA VAL A 168 17.85 -36.57 24.68
C VAL A 168 17.62 -38.03 24.52
N PHE A 169 16.39 -38.48 24.67
CA PHE A 169 16.15 -39.92 24.69
C PHE A 169 16.17 -40.66 23.39
N ARG A 170 16.44 -40.02 22.28
CA ARG A 170 16.55 -40.83 21.08
C ARG A 170 17.97 -41.32 20.85
N ASP A 171 18.15 -42.41 20.10
CA ASP A 171 19.45 -43.05 19.89
C ASP A 171 19.44 -43.97 18.67
N MET A 181 18.49 -49.15 13.96
CA MET A 181 17.25 -48.46 14.34
C MET A 181 17.57 -47.05 14.80
N CYS A 182 16.81 -46.09 14.32
CA CYS A 182 16.65 -44.81 14.99
C CYS A 182 15.37 -44.94 15.81
N TYR A 183 15.46 -45.19 17.13
CA TYR A 183 14.30 -45.29 18.03
C TYR A 183 14.51 -44.69 19.45
N TYR A 184 13.56 -44.87 20.35
CA TYR A 184 13.68 -44.36 21.74
C TYR A 184 14.55 -45.14 22.70
N ASN A 185 15.24 -44.44 23.59
CA ASN A 185 16.09 -45.07 24.59
C ASN A 185 16.03 -44.23 25.85
N VAL A 186 15.14 -44.52 26.78
CA VAL A 186 14.96 -43.64 27.96
C VAL A 186 16.00 -43.82 29.06
N LEU A 187 16.54 -44.98 29.20
CA LEU A 187 17.62 -45.29 30.14
C LEU A 187 18.97 -44.72 29.71
N LEU A 188 18.99 -43.78 28.77
CA LEU A 188 20.23 -43.20 28.30
C LEU A 188 20.84 -42.28 29.35
N LEU A 189 20.04 -41.36 29.88
CA LEU A 189 20.50 -40.35 30.83
C LEU A 189 20.10 -40.77 32.24
N ASN A 190 21.10 -41.05 33.08
CA ASN A 190 20.88 -41.38 34.49
C ASN A 190 19.86 -42.51 34.63
N PRO A 191 20.21 -43.74 34.25
CA PRO A 191 19.28 -44.86 34.44
C PRO A 191 19.10 -45.18 35.91
N GLY A 192 17.86 -45.46 36.28
CA GLY A 192 17.53 -45.74 37.66
C GLY A 192 17.95 -47.14 38.07
N PRO A 193 17.78 -47.43 39.37
CA PRO A 193 18.14 -48.78 39.85
C PRO A 193 17.39 -49.89 39.12
N ASP A 194 16.07 -49.85 39.13
CA ASP A 194 15.25 -50.85 38.43
C ASP A 194 15.07 -50.39 36.99
N ARG A 195 15.74 -51.09 36.06
CA ARG A 195 15.67 -50.69 34.65
C ARG A 195 14.25 -50.85 34.10
N ASP A 196 13.59 -51.96 34.42
CA ASP A 196 12.26 -52.22 33.86
C ASP A 196 11.25 -51.20 34.36
N ALA A 197 11.18 -51.02 35.69
CA ALA A 197 10.19 -50.11 36.26
C ALA A 197 10.46 -48.67 35.83
N THR A 198 11.73 -48.25 35.86
CA THR A 198 12.06 -46.89 35.45
C THR A 198 11.73 -46.65 33.98
N CYS A 199 12.05 -47.63 33.13
CA CYS A 199 11.75 -47.49 31.70
C CYS A 199 10.26 -47.41 31.48
N ASN A 200 9.48 -48.26 32.15
CA ASN A 200 8.03 -48.22 32.02
C ASN A 200 7.48 -46.86 32.46
N SER A 201 7.94 -46.38 33.62
CA SER A 201 7.44 -45.11 34.13
C SER A 201 7.76 -43.97 33.17
N ARG A 202 9.01 -43.92 32.68
CA ARG A 202 9.38 -42.84 31.78
C ARG A 202 8.60 -42.91 30.47
N GLN A 203 8.43 -44.11 29.92
CA GLN A 203 7.68 -44.25 28.68
C GLN A 203 6.24 -43.80 28.85
N VAL A 204 5.60 -44.25 29.93
CA VAL A 204 4.21 -43.87 30.17
C VAL A 204 4.10 -42.37 30.37
N ALA A 205 5.03 -41.78 31.13
CA ALA A 205 4.99 -40.34 31.36
C ALA A 205 5.11 -39.57 30.05
N LEU A 206 6.09 -39.92 29.23
CA LEU A 206 6.27 -39.23 27.96
C LEU A 206 5.06 -39.40 27.07
N ALA A 207 4.50 -40.61 27.01
CA ALA A 207 3.35 -40.85 26.16
C ALA A 207 2.15 -40.01 26.61
N VAL A 208 1.85 -40.03 27.91
CA VAL A 208 0.73 -39.24 28.42
C VAL A 208 0.96 -37.76 28.17
N SER A 209 2.20 -37.29 28.37
CA SER A 209 2.48 -35.88 28.16
C SER A 209 2.24 -35.47 26.72
N LYS A 210 2.79 -36.23 25.78
CA LYS A 210 2.62 -35.88 24.37
C LYS A 210 1.17 -36.00 23.94
N PHE A 211 0.45 -36.97 24.49
CA PHE A 211 -0.97 -37.11 24.18
C PHE A 211 -1.75 -35.89 24.66
N LEU A 212 -1.52 -35.48 25.91
CA LEU A 212 -2.24 -34.35 26.46
C LEU A 212 -1.86 -33.04 25.75
N LEU A 213 -0.62 -32.93 25.28
CA LEU A 213 -0.16 -31.68 24.70
C LEU A 213 -0.42 -31.57 23.21
N ALA A 214 -0.61 -32.68 22.51
CA ALA A 214 -0.72 -32.66 21.06
C ALA A 214 -2.10 -33.05 20.53
N PHE A 215 -2.83 -33.91 21.24
CA PHE A 215 -4.11 -34.41 20.75
C PHE A 215 -5.29 -34.02 21.63
N LEU A 216 -5.21 -34.26 22.94
CA LEU A 216 -6.37 -34.07 23.80
C LEU A 216 -6.69 -32.59 23.97
N VAL A 217 -5.72 -31.80 24.43
CA VAL A 217 -5.96 -30.40 24.76
C VAL A 217 -6.28 -29.61 23.48
N PRO A 218 -5.51 -29.77 22.40
CA PRO A 218 -5.85 -29.01 21.18
C PRO A 218 -7.23 -29.36 20.63
N LEU A 219 -7.55 -30.65 20.54
CA LEU A 219 -8.87 -31.04 20.04
C LEU A 219 -9.98 -30.52 20.94
N ALA A 220 -9.78 -30.59 22.26
CA ALA A 220 -10.78 -30.07 23.19
C ALA A 220 -10.98 -28.58 23.02
N ILE A 221 -9.89 -27.84 22.84
CA ILE A 221 -9.99 -26.39 22.63
C ILE A 221 -10.73 -26.10 21.34
N ILE A 222 -10.42 -26.85 20.28
CA ILE A 222 -11.10 -26.64 19.01
C ILE A 222 -12.59 -26.88 19.15
N ALA A 223 -12.95 -28.00 19.80
CA ALA A 223 -14.36 -28.33 19.97
C ALA A 223 -15.08 -27.29 20.81
N SER A 224 -14.42 -26.82 21.88
CA SER A 224 -15.03 -25.81 22.74
C SER A 224 -15.24 -24.50 21.99
N SER A 225 -14.26 -24.10 21.18
CA SER A 225 -14.41 -22.88 20.39
C SER A 225 -15.55 -23.00 19.40
N HIS A 226 -15.63 -24.14 18.70
CA HIS A 226 -16.71 -24.33 17.73
C HIS A 226 -18.07 -24.33 18.43
N ALA A 227 -18.16 -24.99 19.59
CA ALA A 227 -19.43 -25.02 20.32
C ALA A 227 -19.82 -23.63 20.79
N ALA A 228 -18.85 -22.84 21.27
CA ALA A 228 -19.15 -21.49 21.72
C ALA A 228 -19.61 -20.63 20.55
N VAL A 229 -18.96 -20.75 19.39
CA VAL A 229 -19.38 -19.99 18.21
C VAL A 229 -20.80 -20.38 17.82
N SER A 230 -21.10 -21.68 17.81
CA SER A 230 -22.44 -22.13 17.44
C SER A 230 -23.49 -21.60 18.41
N LEU A 231 -23.19 -21.67 19.71
CA LEU A 231 -24.15 -21.19 20.71
C LEU A 231 -24.36 -19.69 20.58
N ARG A 232 -23.25 -18.93 20.32
CA ARG A 232 -23.24 -17.38 20.08
C ARG A 232 -23.78 -16.91 18.73
N LEU A 233 -24.00 -17.84 17.82
CA LEU A 233 -24.79 -17.60 16.61
C LEU A 233 -26.26 -17.97 16.83
N GLN A 234 -26.52 -19.01 17.61
CA GLN A 234 -27.91 -19.40 17.86
C GLN A 234 -28.60 -18.41 18.79
N HIS A 235 -27.87 -17.88 19.78
CA HIS A 235 -28.47 -16.95 20.72
C HIS A 235 -28.73 -15.59 20.06
N ARG A 236 -27.78 -15.10 19.27
CA ARG A 236 -27.97 -13.80 18.62
C ARG A 236 -29.04 -13.83 17.55
N GLY A 237 -29.32 -15.03 17.08
CA GLY A 237 -30.30 -15.21 16.06
C GLY A 237 -29.76 -15.46 14.71
N ARG A 238 -28.45 -15.57 14.55
CA ARG A 238 -27.90 -15.68 13.22
C ARG A 238 -28.08 -17.08 12.72
N ARG A 239 -28.49 -17.30 11.45
CA ARG A 239 -28.51 -18.69 11.05
C ARG A 239 -27.17 -19.30 11.00
N ARG A 240 -27.16 -20.65 10.96
CA ARG A 240 -25.86 -21.27 10.72
C ARG A 240 -25.88 -21.97 9.37
N PRO A 241 -25.39 -21.35 8.30
CA PRO A 241 -25.37 -22.04 7.00
C PRO A 241 -24.59 -23.34 7.06
N GLY A 242 -24.86 -24.20 6.08
CA GLY A 242 -24.19 -25.48 6.02
C GLY A 242 -22.69 -25.39 5.89
N ARG A 243 -22.15 -24.16 5.55
CA ARG A 243 -20.65 -23.90 5.28
C ARG A 243 -19.83 -23.63 6.48
N PHE A 244 -20.49 -23.50 7.55
CA PHE A 244 -19.81 -23.49 8.84
C PHE A 244 -19.72 -24.90 9.43
N VAL A 245 -20.87 -25.58 9.54
CA VAL A 245 -20.89 -26.91 10.13
C VAL A 245 -20.06 -27.88 9.30
N ARG A 246 -20.13 -27.75 7.97
CA ARG A 246 -19.37 -28.66 7.11
C ARG A 246 -17.87 -28.48 7.33
N LEU A 247 -17.40 -27.23 7.35
CA LEU A 247 -15.98 -27.00 7.58
C LEU A 247 -15.54 -27.45 8.96
N VAL A 248 -16.37 -27.21 9.98
CA VAL A 248 -16.03 -27.64 11.33
C VAL A 248 -15.89 -29.16 11.38
N ALA A 249 -16.88 -29.88 10.83
CA ALA A 249 -16.83 -31.33 10.84
C ALA A 249 -15.63 -31.85 10.05
N ALA A 250 -15.34 -31.22 8.91
CA ALA A 250 -14.20 -31.66 8.10
C ALA A 250 -12.89 -31.49 8.86
N VAL A 251 -12.70 -30.32 9.48
CA VAL A 251 -11.48 -30.08 10.24
C VAL A 251 -11.36 -31.07 11.39
N VAL A 252 -12.46 -31.31 12.11
CA VAL A 252 -12.42 -32.22 13.25
C VAL A 252 -12.07 -33.63 12.79
N ALA A 253 -12.73 -34.10 11.72
CA ALA A 253 -12.48 -35.45 11.23
C ALA A 253 -11.05 -35.59 10.72
N ALA A 254 -10.54 -34.57 10.04
CA ALA A 254 -9.16 -34.62 9.56
C ALA A 254 -8.19 -34.71 10.72
N PHE A 255 -8.30 -33.78 11.68
CA PHE A 255 -7.42 -33.82 12.83
C PHE A 255 -7.48 -35.16 13.54
N ALA A 256 -8.69 -35.71 13.73
CA ALA A 256 -8.83 -37.00 14.38
C ALA A 256 -8.12 -38.09 13.58
N LEU A 257 -8.60 -38.36 12.36
CA LEU A 257 -8.02 -39.44 11.56
C LEU A 257 -6.53 -39.27 11.34
N CYS A 258 -5.98 -38.07 11.55
CA CYS A 258 -4.55 -37.87 11.39
C CYS A 258 -3.77 -38.16 12.67
N TRP A 259 -4.21 -37.61 13.80
CA TRP A 259 -3.42 -37.67 15.02
C TRP A 259 -3.85 -38.75 16.00
N GLY A 260 -5.15 -39.04 16.10
CA GLY A 260 -5.65 -39.99 17.06
C GLY A 260 -4.92 -41.32 17.03
N PRO A 261 -4.93 -41.99 15.88
CA PRO A 261 -4.29 -43.32 15.79
C PRO A 261 -2.85 -43.33 16.28
N TYR A 262 -2.07 -42.28 16.00
CA TYR A 262 -0.68 -42.25 16.45
C TYR A 262 -0.58 -42.36 17.96
N HIS A 263 -1.28 -41.48 18.69
CA HIS A 263 -1.23 -41.52 20.14
C HIS A 263 -1.88 -42.78 20.69
N VAL A 264 -2.91 -43.29 20.02
CA VAL A 264 -3.54 -44.53 20.46
C VAL A 264 -2.54 -45.67 20.43
N PHE A 265 -1.80 -45.79 19.32
CA PHE A 265 -0.79 -46.84 19.22
C PHE A 265 0.37 -46.59 20.17
N SER A 266 0.73 -45.33 20.42
CA SER A 266 1.78 -45.04 21.38
C SER A 266 1.38 -45.51 22.77
N LEU A 267 0.15 -45.22 23.19
CA LEU A 267 -0.34 -45.69 24.49
C LEU A 267 -0.43 -47.21 24.51
N LEU A 268 -0.84 -47.82 23.39
CA LEU A 268 -0.90 -49.27 23.32
C LEU A 268 0.50 -49.87 23.54
N GLU A 269 1.52 -49.26 22.94
CA GLU A 269 2.88 -49.75 23.14
C GLU A 269 3.33 -49.55 24.58
N ALA A 270 3.05 -48.37 25.14
CA ALA A 270 3.42 -48.10 26.52
C ALA A 270 2.80 -49.13 27.46
N ARG A 271 1.55 -49.53 27.19
CA ARG A 271 0.92 -50.57 28.00
C ARG A 271 1.46 -51.95 27.68
N ALA A 272 1.89 -52.17 26.43
CA ALA A 272 2.46 -53.46 26.05
C ALA A 272 3.83 -53.67 26.67
N HIS A 273 4.50 -52.60 27.10
CA HIS A 273 5.76 -52.76 27.82
C HIS A 273 5.65 -53.85 28.88
N ALA A 274 4.53 -53.87 29.60
CA ALA A 274 4.27 -54.94 30.56
C ALA A 274 3.50 -56.09 29.92
N ASN A 275 2.61 -55.80 28.97
CA ASN A 275 1.83 -56.83 28.29
C ASN A 275 2.47 -57.16 26.95
N PRO A 276 3.28 -58.21 26.86
CA PRO A 276 3.95 -58.53 25.59
C PRO A 276 3.00 -58.92 24.47
N GLY A 277 1.80 -59.41 24.79
CA GLY A 277 0.88 -59.84 23.76
C GLY A 277 0.51 -58.74 22.77
N LEU A 278 0.64 -57.48 23.16
CA LEU A 278 0.33 -56.37 22.28
C LEU A 278 1.54 -55.85 21.52
N ARG A 279 2.75 -56.31 21.88
CA ARG A 279 3.94 -55.83 21.18
C ARG A 279 3.91 -56.10 19.68
N PRO A 280 3.49 -57.28 19.20
CA PRO A 280 3.47 -57.50 17.75
C PRO A 280 2.59 -56.51 17.00
N LEU A 281 1.36 -56.29 17.46
CA LEU A 281 0.46 -55.36 16.78
C LEU A 281 1.13 -54.01 16.56
N VAL A 282 1.75 -53.45 17.60
CA VAL A 282 2.46 -52.18 17.45
C VAL A 282 3.47 -52.29 16.31
N TRP A 283 4.30 -53.32 16.33
CA TRP A 283 5.30 -53.50 15.30
C TRP A 283 4.68 -53.51 13.91
N ARG A 284 3.42 -53.95 13.80
CA ARG A 284 2.74 -53.99 12.52
C ARG A 284 1.92 -52.72 12.27
N GLY A 285 1.55 -52.00 13.33
CA GLY A 285 0.68 -50.85 13.18
C GLY A 285 1.40 -49.52 13.28
N LEU A 286 2.44 -49.46 14.11
CA LEU A 286 3.15 -48.20 14.31
C LEU A 286 3.73 -47.62 13.03
N PRO A 287 4.37 -48.39 12.14
CA PRO A 287 4.90 -47.78 10.91
C PRO A 287 3.84 -47.14 10.04
N PHE A 288 2.61 -47.66 10.08
CA PHE A 288 1.55 -47.13 9.23
C PHE A 288 0.99 -45.82 9.80
N VAL A 289 0.47 -45.87 11.02
CA VAL A 289 -0.18 -44.68 11.58
C VAL A 289 0.78 -43.50 11.62
N THR A 290 2.02 -43.72 12.04
CA THR A 290 2.98 -42.63 12.11
C THR A 290 3.12 -41.93 10.75
N SER A 291 2.97 -42.67 9.66
CA SER A 291 3.01 -42.05 8.34
C SER A 291 1.71 -41.31 8.05
N LEU A 292 0.56 -41.92 8.37
CA LEU A 292 -0.72 -41.29 8.09
C LEU A 292 -0.81 -39.90 8.71
N ALA A 293 -0.19 -39.70 9.87
CA ALA A 293 -0.25 -38.40 10.52
C ALA A 293 0.25 -37.29 9.61
N PHE A 294 1.25 -37.59 8.77
CA PHE A 294 1.80 -36.56 7.89
C PHE A 294 0.78 -36.06 6.90
N PHE A 295 -0.25 -36.85 6.58
CA PHE A 295 -1.32 -36.36 5.71
C PHE A 295 -1.98 -35.13 6.28
N ASN A 296 -1.87 -34.90 7.60
CA ASN A 296 -2.38 -33.67 8.19
C ASN A 296 -1.78 -32.44 7.51
N SER A 297 -0.47 -32.49 7.22
CA SER A 297 0.18 -31.37 6.54
C SER A 297 -0.46 -31.06 5.19
N VAL A 298 -1.17 -32.02 4.60
CA VAL A 298 -1.87 -31.79 3.34
C VAL A 298 -3.33 -31.40 3.56
N ALA A 299 -3.90 -31.69 4.73
CA ALA A 299 -5.30 -31.38 5.00
C ALA A 299 -5.49 -30.01 5.63
N ASN A 300 -4.64 -29.65 6.59
CA ASN A 300 -4.80 -28.37 7.26
C ASN A 300 -4.68 -27.18 6.32
N PRO A 301 -3.72 -27.11 5.41
CA PRO A 301 -3.63 -25.93 4.52
C PRO A 301 -4.93 -25.65 3.78
N VAL A 302 -5.45 -26.63 3.04
CA VAL A 302 -6.68 -26.42 2.27
C VAL A 302 -7.77 -25.88 3.17
N LEU A 303 -8.14 -26.63 4.21
CA LEU A 303 -9.22 -26.23 5.10
C LEU A 303 -8.96 -24.86 5.73
N TYR A 304 -7.71 -24.40 5.77
CA TYR A 304 -7.36 -23.11 6.35
C TYR A 304 -6.91 -22.08 5.32
N VAL A 305 -6.86 -22.45 4.03
CA VAL A 305 -6.42 -21.52 3.00
C VAL A 305 -7.49 -21.39 1.93
N LEU A 306 -7.85 -22.52 1.31
CA LEU A 306 -8.84 -22.50 0.24
C LEU A 306 -10.25 -22.22 0.74
N THR A 307 -10.48 -22.26 2.05
CA THR A 307 -11.79 -21.99 2.61
C THR A 307 -12.10 -20.49 2.67
N CYS A 308 -11.10 -19.63 2.53
CA CYS A 308 -11.33 -18.19 2.55
C CYS A 308 -11.48 -17.68 1.12
N PRO A 309 -12.51 -16.89 0.82
CA PRO A 309 -12.66 -16.40 -0.57
C PRO A 309 -11.45 -15.62 -1.07
N ASP A 310 -10.91 -14.72 -0.25
CA ASP A 310 -9.81 -13.88 -0.71
C ASP A 310 -8.59 -14.71 -1.05
N MET A 311 -8.14 -15.56 -0.12
CA MET A 311 -6.96 -16.39 -0.38
C MET A 311 -7.21 -17.35 -1.53
N LEU A 312 -8.42 -17.90 -1.62
CA LEU A 312 -8.73 -18.82 -2.71
C LEU A 312 -8.61 -18.12 -4.06
N ARG A 313 -9.22 -16.94 -4.19
CA ARG A 313 -9.11 -16.19 -5.44
C ARG A 313 -7.66 -15.83 -5.74
N LYS A 314 -6.92 -15.38 -4.72
CA LYS A 314 -5.51 -15.06 -4.91
C LYS A 314 -4.75 -16.25 -5.49
N LEU A 315 -4.87 -17.40 -4.85
CA LEU A 315 -4.14 -18.59 -5.30
C LEU A 315 -4.56 -19.00 -6.71
N ARG A 316 -5.86 -19.01 -6.98
CA ARG A 316 -6.33 -19.43 -8.30
C ARG A 316 -5.83 -18.50 -9.39
N ARG A 317 -5.94 -17.20 -9.14
CA ARG A 317 -5.47 -16.22 -10.11
C ARG A 317 -4.00 -16.39 -10.35
N SER A 318 -3.23 -16.46 -9.27
CA SER A 318 -1.78 -16.58 -9.40
C SER A 318 -1.40 -17.82 -10.19
N LEU A 319 -2.06 -18.95 -9.92
CA LEU A 319 -1.77 -20.17 -10.65
C LEU A 319 -2.11 -20.00 -12.13
N ARG A 320 -3.26 -19.38 -12.43
CA ARG A 320 -3.64 -19.18 -13.82
C ARG A 320 -2.63 -18.27 -14.54
N THR A 321 -2.19 -17.20 -13.87
CA THR A 321 -1.23 -16.30 -14.49
C THR A 321 0.10 -17.01 -14.73
N VAL A 322 0.57 -17.80 -13.76
CA VAL A 322 1.82 -18.52 -13.93
C VAL A 322 1.70 -19.52 -15.09
N THR B 4 26.56 -4.60 -1.74
CA THR B 4 26.83 -3.77 -2.94
C THR B 4 26.30 -2.35 -2.76
N LEU B 5 25.23 -2.22 -1.98
CA LEU B 5 24.64 -0.92 -1.73
C LEU B 5 25.61 -0.03 -0.95
N SER B 6 25.79 1.19 -1.40
CA SER B 6 26.71 2.11 -0.74
C SER B 6 26.11 2.61 0.57
N ALA B 7 26.85 3.48 1.25
CA ALA B 7 26.40 4.00 2.53
C ALA B 7 25.05 4.71 2.39
N GLU B 8 24.95 5.64 1.45
CA GLU B 8 23.70 6.36 1.26
C GLU B 8 22.57 5.42 0.85
N ASP B 9 22.90 4.40 0.05
CA ASP B 9 21.87 3.44 -0.35
C ASP B 9 21.35 2.66 0.85
N LYS B 10 22.25 2.19 1.72
CA LYS B 10 21.82 1.48 2.92
C LYS B 10 21.00 2.38 3.84
N ALA B 11 21.41 3.64 3.96
CA ALA B 11 20.65 4.58 4.80
C ALA B 11 19.26 4.81 4.22
N ALA B 12 19.15 4.94 2.90
CA ALA B 12 17.85 5.12 2.27
C ALA B 12 16.99 3.88 2.46
N VAL B 13 17.59 2.69 2.38
CA VAL B 13 16.82 1.46 2.59
C VAL B 13 16.32 1.40 4.04
N GLU B 14 17.16 1.80 4.99
CA GLU B 14 16.73 1.81 6.39
C GLU B 14 15.59 2.81 6.59
N ARG B 15 15.70 3.99 5.98
CA ARG B 15 14.63 4.98 6.11
C ARG B 15 13.34 4.46 5.48
N SER B 16 13.44 3.77 4.35
CA SER B 16 12.25 3.20 3.72
C SER B 16 11.63 2.12 4.61
N LYS B 17 12.45 1.30 5.26
CA LYS B 17 11.92 0.30 6.17
C LYS B 17 11.23 0.96 7.36
N MET B 18 11.81 2.04 7.88
CA MET B 18 11.17 2.76 8.98
C MET B 18 9.83 3.35 8.53
N ILE B 19 9.78 3.91 7.33
CA ILE B 19 8.53 4.45 6.81
C ILE B 19 7.50 3.34 6.64
N ASP B 20 7.94 2.17 6.18
CA ASP B 20 7.02 1.04 6.05
C ASP B 20 6.47 0.61 7.39
N ARG B 21 7.33 0.58 8.41
CA ARG B 21 6.87 0.23 9.75
C ARG B 21 5.85 1.25 10.26
N ASN B 22 6.14 2.54 10.05
CA ASN B 22 5.19 3.57 10.49
C ASN B 22 3.86 3.43 9.76
N LEU B 23 3.90 3.15 8.46
CA LEU B 23 2.65 2.98 7.70
C LEU B 23 1.89 1.76 8.18
N ARG B 24 2.58 0.65 8.48
CA ARG B 24 1.90 -0.52 9.01
C ARG B 24 1.26 -0.23 10.35
N GLU B 25 1.97 0.50 11.23
CA GLU B 25 1.38 0.86 12.52
C GLU B 25 0.16 1.75 12.34
N ASP B 26 0.24 2.73 11.43
CA ASP B 26 -0.90 3.61 11.19
C ASP B 26 -2.09 2.82 10.65
N GLY B 27 -1.83 1.86 9.74
CA GLY B 27 -2.93 1.05 9.22
C GLY B 27 -3.56 0.18 10.29
N GLU B 28 -2.73 -0.43 11.13
CA GLU B 28 -3.26 -1.24 12.22
C GLU B 28 -4.07 -0.41 13.19
N LYS B 29 -3.66 0.85 13.43
CA LYS B 29 -4.41 1.72 14.31
C LYS B 29 -5.73 2.16 13.69
N ALA B 30 -5.72 2.45 12.38
CA ALA B 30 -6.93 2.89 11.70
C ALA B 30 -7.92 1.75 11.49
N ALA B 31 -7.44 0.50 11.42
CA ALA B 31 -8.34 -0.63 11.24
C ALA B 31 -9.19 -0.92 12.47
N ARG B 32 -9.04 0.13 13.36
CA ARG B 32 -9.49 0.08 14.71
C ARG B 32 -10.62 0.91 14.95
N GLU B 33 -11.09 1.43 13.96
CA GLU B 33 -12.22 2.33 13.94
C GLU B 33 -13.20 1.89 12.85
N VAL B 34 -14.47 1.79 13.22
CA VAL B 34 -15.51 1.40 12.25
C VAL B 34 -15.81 2.59 11.36
N LYS B 35 -16.29 2.32 10.14
CA LYS B 35 -16.60 3.34 9.16
C LYS B 35 -18.05 3.18 8.72
N LEU B 36 -18.83 4.25 8.82
CA LEU B 36 -20.23 4.23 8.42
C LEU B 36 -20.54 5.46 7.58
N LEU B 37 -21.47 5.29 6.63
CA LEU B 37 -21.87 6.34 5.70
C LEU B 37 -23.30 6.77 6.00
N LEU B 38 -23.49 8.06 6.22
CA LEU B 38 -24.79 8.63 6.53
C LEU B 38 -25.46 9.14 5.26
N LEU B 39 -26.70 8.73 5.02
CA LEU B 39 -27.45 9.14 3.85
C LEU B 39 -28.87 9.49 4.25
N GLY B 40 -29.49 10.35 3.45
CA GLY B 40 -30.85 10.78 3.70
C GLY B 40 -31.09 12.22 3.31
N ALA B 41 -32.36 12.64 3.29
CA ALA B 41 -32.69 14.00 2.91
C ALA B 41 -32.25 14.98 4.01
N GLY B 42 -32.05 16.23 3.60
CA GLY B 42 -31.64 17.24 4.56
C GLY B 42 -32.63 17.41 5.69
N GLU B 43 -33.92 17.30 5.39
CA GLU B 43 -34.97 17.43 6.38
C GLU B 43 -35.32 16.09 7.05
N SER B 44 -34.53 15.05 6.80
CA SER B 44 -34.79 13.74 7.39
C SER B 44 -34.27 13.62 8.83
N GLY B 45 -33.72 14.69 9.39
CA GLY B 45 -33.23 14.65 10.75
C GLY B 45 -31.77 14.27 10.91
N LYS B 46 -31.02 14.18 9.82
CA LYS B 46 -29.61 13.81 9.93
C LYS B 46 -28.86 14.77 10.85
N ASN B 47 -29.17 16.07 10.75
CA ASN B 47 -28.49 17.05 11.59
C ASN B 47 -28.74 16.78 13.07
N THR B 48 -29.99 16.47 13.44
CA THR B 48 -30.28 16.18 14.83
C THR B 48 -29.56 14.93 15.31
N ILE B 49 -29.51 13.89 14.48
CA ILE B 49 -28.81 12.67 14.83
C ILE B 49 -27.33 12.96 15.08
N VAL B 50 -26.71 13.72 14.17
CA VAL B 50 -25.29 14.04 14.33
C VAL B 50 -25.07 14.85 15.60
N LYS B 51 -25.95 15.83 15.86
CA LYS B 51 -25.79 16.67 17.04
C LYS B 51 -25.90 15.85 18.32
N GLN B 52 -26.89 14.95 18.39
CA GLN B 52 -27.05 14.17 19.62
C GLN B 52 -25.90 13.18 19.78
N MET B 53 -25.44 12.58 18.69
CA MET B 53 -24.31 11.65 18.80
C MET B 53 -23.03 12.36 19.18
N LYS B 54 -22.88 13.63 18.79
CA LYS B 54 -21.71 14.40 19.19
C LYS B 54 -21.81 14.84 20.64
N ILE B 55 -23.02 15.20 21.09
CA ILE B 55 -23.20 15.60 22.48
C ILE B 55 -22.99 14.43 23.42
N ILE B 56 -23.46 13.23 23.03
CA ILE B 56 -23.27 12.06 23.86
C ILE B 56 -21.78 11.79 24.07
N HIS B 57 -20.99 11.91 23.02
CA HIS B 57 -19.55 11.69 23.11
C HIS B 57 -18.86 12.87 23.77
N THR B 181 -16.35 25.14 3.48
CA THR B 181 -17.33 24.34 4.21
C THR B 181 -17.90 23.24 3.31
N THR B 182 -17.98 23.52 2.01
CA THR B 182 -18.50 22.54 1.08
C THR B 182 -17.64 21.29 1.06
N GLY B 183 -18.27 20.15 0.79
CA GLY B 183 -17.57 18.89 0.76
C GLY B 183 -18.29 17.79 1.51
N ILE B 184 -17.54 17.01 2.28
CA ILE B 184 -18.09 15.92 3.08
C ILE B 184 -17.65 16.12 4.53
N VAL B 185 -18.54 15.78 5.46
CA VAL B 185 -18.29 15.94 6.89
C VAL B 185 -17.86 14.59 7.47
N GLU B 186 -16.95 14.63 8.43
CA GLU B 186 -16.44 13.43 9.09
C GLU B 186 -16.56 13.62 10.60
N THR B 187 -17.37 12.79 11.25
CA THR B 187 -17.60 12.84 12.67
C THR B 187 -16.98 11.62 13.34
N HIS B 188 -16.34 11.85 14.49
CA HIS B 188 -15.69 10.79 15.26
C HIS B 188 -16.30 10.72 16.65
N PHE B 189 -16.61 9.50 17.10
CA PHE B 189 -17.17 9.31 18.42
C PHE B 189 -16.91 7.88 18.87
N THR B 190 -16.74 7.72 20.19
CA THR B 190 -16.49 6.43 20.79
C THR B 190 -17.63 6.06 21.73
N PHE B 191 -18.08 4.82 21.63
CA PHE B 191 -19.17 4.31 22.47
C PHE B 191 -18.86 2.86 22.82
N LYS B 192 -18.72 2.58 24.11
CA LYS B 192 -18.35 1.25 24.59
C LYS B 192 -17.03 0.79 23.98
N ASP B 193 -15.98 1.55 24.27
CA ASP B 193 -14.64 1.31 23.75
C ASP B 193 -14.66 0.87 22.30
N LEU B 194 -15.40 1.60 21.46
CA LEU B 194 -15.47 1.31 20.03
C LEU B 194 -15.59 2.63 19.28
N HIS B 195 -14.63 2.89 18.40
CA HIS B 195 -14.60 4.15 17.66
C HIS B 195 -15.38 4.03 16.36
N PHE B 196 -16.03 5.14 15.98
CA PHE B 196 -16.81 5.19 14.76
C PHE B 196 -16.41 6.41 13.94
N LYS B 197 -16.56 6.30 12.63
CA LYS B 197 -16.26 7.38 11.69
C LYS B 197 -17.49 7.53 10.80
N MET B 198 -18.30 8.53 11.08
CA MET B 198 -19.50 8.83 10.31
C MET B 198 -19.15 9.79 9.19
N PHE B 199 -19.42 9.39 7.95
CA PHE B 199 -19.14 10.21 6.78
C PHE B 199 -20.45 10.69 6.18
N ASP B 200 -20.64 12.00 6.18
CA ASP B 200 -21.84 12.63 5.64
C ASP B 200 -21.50 13.27 4.30
N VAL B 201 -22.11 12.77 3.24
CA VAL B 201 -21.87 13.26 1.89
C VAL B 201 -23.10 13.98 1.33
N GLY B 202 -24.01 14.42 2.21
CA GLY B 202 -25.22 15.08 1.73
C GLY B 202 -24.92 16.35 0.95
N ALA B 203 -23.90 17.11 1.38
CA ALA B 203 -23.55 18.34 0.69
C ALA B 203 -22.93 18.08 -0.68
N GLN B 204 -22.46 16.86 -0.94
CA GLN B 204 -21.83 16.52 -2.22
C GLN B 204 -22.91 16.30 -3.26
N ARG B 205 -23.51 17.41 -3.70
CA ARG B 205 -24.57 17.38 -4.72
C ARG B 205 -23.92 17.23 -6.09
N SER B 206 -23.55 16.00 -6.41
CA SER B 206 -22.93 15.67 -7.68
C SER B 206 -23.33 14.25 -8.07
N GLU B 207 -22.70 13.73 -9.12
CA GLU B 207 -23.00 12.39 -9.61
C GLU B 207 -22.43 11.37 -8.62
N ARG B 208 -23.32 10.69 -7.90
CA ARG B 208 -22.87 9.79 -6.83
C ARG B 208 -22.27 8.50 -7.38
N LYS B 209 -22.75 8.02 -8.53
CA LYS B 209 -22.29 6.73 -9.05
C LYS B 209 -20.83 6.77 -9.50
N LYS B 210 -20.19 7.94 -9.53
CA LYS B 210 -18.80 8.05 -9.93
C LYS B 210 -17.83 8.10 -8.76
N TRP B 211 -18.33 8.32 -7.54
CA TRP B 211 -17.47 8.33 -6.36
C TRP B 211 -18.04 7.53 -5.19
N ILE B 212 -19.28 7.02 -5.29
CA ILE B 212 -19.83 6.22 -4.21
C ILE B 212 -19.01 4.95 -4.03
N HIS B 213 -18.39 4.44 -5.10
CA HIS B 213 -17.59 3.23 -5.01
C HIS B 213 -16.44 3.39 -4.01
N CYS B 214 -16.03 4.63 -3.71
CA CYS B 214 -14.98 4.83 -2.72
C CYS B 214 -15.40 4.30 -1.35
N PHE B 215 -16.69 4.29 -1.06
CA PHE B 215 -17.22 3.79 0.20
C PHE B 215 -17.56 2.31 0.16
N GLU B 216 -16.95 1.56 -0.75
CA GLU B 216 -17.24 0.12 -0.84
C GLU B 216 -16.93 -0.58 0.47
N GLY B 217 -15.80 -0.24 1.10
CA GLY B 217 -15.39 -0.83 2.35
C GLY B 217 -16.09 -0.29 3.58
N VAL B 218 -17.13 0.53 3.40
CA VAL B 218 -17.85 1.07 4.54
C VAL B 218 -18.52 -0.08 5.31
N THR B 219 -18.60 0.09 6.63
CA THR B 219 -19.18 -0.96 7.47
C THR B 219 -20.70 -0.98 7.38
N ALA B 220 -21.32 0.20 7.49
CA ALA B 220 -22.78 0.28 7.47
C ALA B 220 -23.21 1.58 6.80
N ILE B 221 -24.48 1.61 6.40
CA ILE B 221 -25.09 2.78 5.78
C ILE B 221 -26.28 3.18 6.63
N ILE B 222 -26.17 4.31 7.32
CA ILE B 222 -27.25 4.83 8.16
C ILE B 222 -28.15 5.67 7.28
N PHE B 223 -29.35 5.17 6.98
CA PHE B 223 -30.30 5.83 6.11
C PHE B 223 -31.40 6.48 6.95
N CYS B 224 -31.53 7.80 6.82
CA CYS B 224 -32.55 8.56 7.53
C CYS B 224 -33.62 9.00 6.54
N VAL B 225 -34.88 8.81 6.91
CA VAL B 225 -36.02 9.16 6.06
C VAL B 225 -37.04 9.90 6.91
N ALA B 226 -37.75 10.84 6.28
CA ALA B 226 -38.77 11.64 6.95
C ALA B 226 -40.07 10.84 6.98
N LEU B 227 -40.37 10.26 8.15
CA LEU B 227 -41.59 9.47 8.28
C LEU B 227 -42.84 10.34 8.27
N SER B 228 -42.76 11.54 8.83
CA SER B 228 -43.94 12.40 8.90
C SER B 228 -44.18 13.15 7.59
N ASP B 229 -43.14 13.34 6.78
CA ASP B 229 -43.26 14.08 5.52
C ASP B 229 -43.77 13.14 4.42
N TYR B 230 -45.06 12.79 4.55
CA TYR B 230 -45.72 11.94 3.58
C TYR B 230 -46.79 12.67 2.78
N ASP B 231 -47.27 13.82 3.25
CA ASP B 231 -48.27 14.60 2.54
C ASP B 231 -47.73 15.90 1.97
N LEU B 232 -46.46 16.22 2.24
CA LEU B 232 -45.86 17.45 1.73
C LEU B 232 -45.51 17.28 0.25
N VAL B 233 -45.16 18.39 -0.38
CA VAL B 233 -44.79 18.43 -1.79
C VAL B 233 -43.39 19.01 -1.91
N LEU B 234 -42.63 18.49 -2.88
CA LEU B 234 -41.26 18.93 -3.12
C LEU B 234 -41.15 19.50 -4.52
N ALA B 235 -40.34 20.55 -4.67
CA ALA B 235 -40.15 21.19 -5.97
C ALA B 235 -39.46 20.24 -6.94
N GLU B 239 -39.49 12.17 -7.88
CA GLU B 239 -40.95 12.14 -7.80
C GLU B 239 -41.45 13.37 -7.05
N MET B 240 -42.69 13.77 -7.35
CA MET B 240 -43.27 14.94 -6.70
C MET B 240 -43.28 14.78 -5.19
N ASN B 241 -43.60 13.58 -4.71
CA ASN B 241 -43.65 13.32 -3.27
C ASN B 241 -42.26 12.94 -2.76
N ARG B 242 -42.02 13.24 -1.47
CA ARG B 242 -40.72 12.96 -0.88
C ARG B 242 -40.56 11.50 -0.51
N MET B 243 -41.64 10.81 -0.13
CA MET B 243 -41.54 9.41 0.25
C MET B 243 -41.10 8.55 -0.92
N HIS B 244 -41.64 8.82 -2.12
CA HIS B 244 -41.25 8.04 -3.29
C HIS B 244 -39.78 8.27 -3.62
N ALA B 245 -39.31 9.51 -3.52
CA ALA B 245 -37.89 9.79 -3.78
C ALA B 245 -37.01 9.09 -2.75
N SER B 246 -37.42 9.11 -1.49
CA SER B 246 -36.65 8.42 -0.45
C SER B 246 -36.60 6.92 -0.71
N MET B 247 -37.73 6.33 -1.12
CA MET B 247 -37.75 4.91 -1.41
C MET B 247 -36.85 4.58 -2.61
N LYS B 248 -36.89 5.43 -3.65
CA LYS B 248 -36.03 5.21 -4.80
C LYS B 248 -34.56 5.30 -4.42
N LEU B 249 -34.19 6.29 -3.59
CA LEU B 249 -32.82 6.40 -3.16
C LEU B 249 -32.40 5.20 -2.33
N PHE B 250 -33.27 4.74 -1.43
CA PHE B 250 -32.95 3.57 -0.62
C PHE B 250 -32.75 2.34 -1.49
N ASP B 251 -33.62 2.15 -2.50
CA ASP B 251 -33.48 1.01 -3.38
C ASP B 251 -32.19 1.09 -4.20
N SER B 252 -31.84 2.29 -4.67
CA SER B 252 -30.62 2.44 -5.46
C SER B 252 -29.39 2.18 -4.60
N ILE B 253 -29.40 2.62 -3.34
CA ILE B 253 -28.25 2.41 -2.48
C ILE B 253 -28.15 0.95 -2.06
N CYS B 254 -29.30 0.28 -1.86
CA CYS B 254 -29.27 -1.11 -1.43
C CYS B 254 -28.84 -2.03 -2.57
N ASN B 255 -29.47 -1.91 -3.73
CA ASN B 255 -29.16 -2.74 -4.89
C ASN B 255 -27.91 -2.29 -5.62
N ASN B 256 -27.12 -1.38 -5.06
CA ASN B 256 -25.91 -0.94 -5.71
C ASN B 256 -24.93 -2.10 -5.86
N LYS B 257 -24.16 -2.08 -6.96
CA LYS B 257 -23.22 -3.15 -7.23
C LYS B 257 -22.08 -3.19 -6.21
N TRP B 258 -21.81 -2.08 -5.53
CA TRP B 258 -20.73 -2.03 -4.55
C TRP B 258 -21.21 -2.32 -3.14
N PHE B 259 -22.50 -2.18 -2.85
CA PHE B 259 -23.06 -2.41 -1.53
C PHE B 259 -23.85 -3.73 -1.48
N THR B 260 -23.36 -4.75 -2.20
CA THR B 260 -24.04 -6.03 -2.20
C THR B 260 -24.08 -6.64 -0.80
N ASP B 261 -23.04 -6.42 0.01
CA ASP B 261 -22.97 -6.95 1.36
C ASP B 261 -23.02 -5.86 2.43
N THR B 262 -22.87 -4.60 2.07
CA THR B 262 -22.90 -3.52 3.05
C THR B 262 -24.29 -3.44 3.69
N SER B 263 -24.32 -3.52 5.01
CA SER B 263 -25.60 -3.50 5.72
C SER B 263 -26.13 -2.07 5.80
N ILE B 264 -27.46 -1.96 5.89
CA ILE B 264 -28.14 -0.68 5.99
C ILE B 264 -28.95 -0.66 7.28
N ILE B 265 -29.03 0.52 7.89
CA ILE B 265 -29.75 0.73 9.14
C ILE B 265 -30.67 1.92 8.92
N LEU B 266 -31.98 1.66 8.93
CA LEU B 266 -32.99 2.69 8.68
C LEU B 266 -33.40 3.33 10.00
N PHE B 267 -33.47 4.66 10.01
CA PHE B 267 -33.89 5.42 11.18
C PHE B 267 -35.02 6.36 10.82
N LEU B 268 -36.10 6.32 11.59
CA LEU B 268 -37.24 7.22 11.42
C LEU B 268 -37.13 8.31 12.48
N ASN B 269 -36.73 9.50 12.05
CA ASN B 269 -36.48 10.62 12.95
C ASN B 269 -37.70 11.53 13.13
N LYS B 270 -38.85 11.15 12.58
CA LYS B 270 -40.07 11.96 12.65
C LYS B 270 -41.26 11.10 13.04
N LYS B 271 -41.09 10.27 14.07
CA LYS B 271 -42.19 9.43 14.52
C LYS B 271 -43.22 10.24 15.28
N ASP B 272 -42.77 11.21 16.09
CA ASP B 272 -43.71 12.05 16.83
C ASP B 272 -44.53 12.92 15.88
N LEU B 273 -43.89 13.51 14.88
CA LEU B 273 -44.62 14.29 13.89
C LEU B 273 -45.61 13.42 13.14
N PHE B 274 -45.22 12.18 12.83
CA PHE B 274 -46.14 11.26 12.15
C PHE B 274 -47.34 10.95 13.03
N GLU B 275 -47.11 10.71 14.32
CA GLU B 275 -48.22 10.45 15.24
C GLU B 275 -49.14 11.65 15.34
N GLU B 276 -48.56 12.86 15.36
CA GLU B 276 -49.39 14.06 15.49
C GLU B 276 -50.15 14.38 14.22
N LYS B 277 -49.61 14.00 13.06
CA LYS B 277 -50.24 14.33 11.78
C LYS B 277 -51.25 13.29 11.33
N ILE B 278 -51.00 12.01 11.63
CA ILE B 278 -51.90 10.95 11.18
C ILE B 278 -53.29 11.15 11.77
N LYS B 279 -53.38 11.75 12.96
CA LYS B 279 -54.68 11.98 13.58
C LYS B 279 -55.55 12.93 12.75
N LYS B 280 -54.94 13.78 11.93
CA LYS B 280 -55.66 14.73 11.09
C LYS B 280 -55.59 14.40 9.62
N SER B 281 -54.38 14.23 9.08
CA SER B 281 -54.21 13.92 7.66
C SER B 281 -54.15 12.42 7.46
N PRO B 282 -55.02 11.83 6.64
CA PRO B 282 -54.96 10.37 6.44
C PRO B 282 -53.77 9.98 5.58
N LEU B 283 -53.31 8.74 5.79
CA LEU B 283 -52.18 8.22 5.04
C LEU B 283 -52.54 7.84 3.61
N THR B 284 -53.84 7.69 3.31
CA THR B 284 -54.25 7.30 1.96
C THR B 284 -53.79 8.29 0.90
N ILE B 285 -53.57 9.55 1.28
CA ILE B 285 -53.12 10.56 0.31
C ILE B 285 -51.81 10.13 -0.33
N CYS B 286 -50.92 9.51 0.45
CA CYS B 286 -49.63 9.07 -0.06
C CYS B 286 -49.70 7.67 -0.67
N TYR B 287 -50.40 6.74 -0.02
CA TYR B 287 -50.54 5.36 -0.48
C TYR B 287 -52.02 5.10 -0.77
N PRO B 288 -52.48 5.37 -1.99
CA PRO B 288 -53.90 5.10 -2.30
C PRO B 288 -54.29 3.65 -2.08
N GLU B 289 -53.42 2.70 -2.46
CA GLU B 289 -53.74 1.29 -2.29
C GLU B 289 -53.90 0.91 -0.82
N TYR B 290 -53.35 1.70 0.10
CA TYR B 290 -53.48 1.40 1.52
C TYR B 290 -54.95 1.38 1.93
N ALA B 291 -55.34 0.34 2.67
CA ALA B 291 -56.71 0.20 3.12
C ALA B 291 -56.83 -0.20 4.59
N GLY B 292 -55.72 -0.34 5.31
CA GLY B 292 -55.77 -0.72 6.71
C GLY B 292 -56.34 0.37 7.58
N SER B 293 -56.41 0.06 8.87
CA SER B 293 -56.94 1.02 9.84
C SER B 293 -56.06 2.26 9.89
N ASN B 294 -56.67 3.39 10.28
CA ASN B 294 -55.97 4.65 10.38
C ASN B 294 -55.11 4.77 11.63
N THR B 295 -55.11 3.77 12.50
CA THR B 295 -54.31 3.82 13.71
C THR B 295 -52.83 3.99 13.37
N TYR B 296 -52.05 4.39 14.37
CA TYR B 296 -50.64 4.66 14.15
C TYR B 296 -49.84 3.37 14.02
N GLU B 297 -50.22 2.34 14.77
CA GLU B 297 -49.45 1.08 14.75
C GLU B 297 -49.48 0.45 13.36
N GLU B 298 -50.68 0.32 12.78
CA GLU B 298 -50.80 -0.29 11.46
C GLU B 298 -50.08 0.53 10.40
N ALA B 299 -50.21 1.86 10.46
CA ALA B 299 -49.55 2.71 9.48
C ALA B 299 -48.03 2.58 9.60
N ALA B 300 -47.50 2.57 10.83
CA ALA B 300 -46.06 2.43 11.00
C ALA B 300 -45.59 1.07 10.50
N ALA B 301 -46.33 0.01 10.80
CA ALA B 301 -45.94 -1.32 10.33
C ALA B 301 -45.95 -1.38 8.80
N TYR B 302 -46.95 -0.77 8.17
CA TYR B 302 -47.02 -0.77 6.71
C TYR B 302 -45.86 0.01 6.12
N ILE B 303 -45.55 1.17 6.69
CA ILE B 303 -44.43 1.97 6.19
C ILE B 303 -43.12 1.21 6.34
N GLN B 304 -42.96 0.51 7.47
CA GLN B 304 -41.73 -0.26 7.69
C GLN B 304 -41.62 -1.40 6.67
N CYS B 305 -42.71 -2.13 6.46
CA CYS B 305 -42.69 -3.23 5.50
C CYS B 305 -42.45 -2.71 4.08
N GLN B 306 -42.93 -1.51 3.76
CA GLN B 306 -42.72 -0.96 2.43
C GLN B 306 -41.24 -0.79 2.14
N PHE B 307 -40.48 -0.28 3.11
CA PHE B 307 -39.03 -0.14 2.91
C PHE B 307 -38.31 -1.48 3.03
N GLU B 308 -38.82 -2.38 3.88
CA GLU B 308 -38.18 -3.68 4.03
C GLU B 308 -38.28 -4.52 2.77
N ASP B 309 -39.39 -4.39 2.03
CA ASP B 309 -39.58 -5.17 0.82
C ASP B 309 -38.69 -4.71 -0.33
N LEU B 310 -38.13 -3.50 -0.25
CA LEU B 310 -37.27 -3.00 -1.32
C LEU B 310 -35.94 -3.70 -1.39
N ASN B 311 -35.60 -4.54 -0.41
CA ASN B 311 -34.32 -5.24 -0.39
C ASN B 311 -34.40 -6.43 -1.34
N LYS B 312 -33.64 -6.38 -2.43
CA LYS B 312 -33.56 -7.47 -3.39
C LYS B 312 -32.35 -8.36 -3.17
N ARG B 313 -31.67 -8.22 -2.03
CA ARG B 313 -30.48 -9.01 -1.71
C ARG B 313 -30.55 -9.52 -0.28
N LYS B 314 -31.72 -10.02 0.13
CA LYS B 314 -31.91 -10.48 1.50
C LYS B 314 -30.98 -11.64 1.85
N ASP B 315 -30.49 -12.37 0.85
CA ASP B 315 -29.64 -13.53 1.14
C ASP B 315 -28.25 -13.13 1.58
N THR B 316 -27.72 -12.03 1.05
CA THR B 316 -26.36 -11.59 1.35
C THR B 316 -26.30 -10.47 2.38
N LYS B 317 -27.35 -9.65 2.49
CA LYS B 317 -27.36 -8.52 3.40
C LYS B 317 -28.71 -8.44 4.10
N GLU B 318 -28.72 -7.76 5.25
CA GLU B 318 -29.92 -7.57 6.05
C GLU B 318 -30.04 -6.11 6.42
N ILE B 319 -31.24 -5.73 6.85
CA ILE B 319 -31.56 -4.35 7.24
C ILE B 319 -31.96 -4.33 8.70
N TYR B 320 -31.48 -3.33 9.43
CA TYR B 320 -31.79 -3.15 10.85
C TYR B 320 -32.59 -1.86 10.98
N THR B 321 -33.91 -2.00 11.16
CA THR B 321 -34.79 -0.84 11.26
C THR B 321 -35.02 -0.48 12.72
N HIS B 322 -35.17 0.81 12.97
CA HIS B 322 -35.39 1.32 14.32
C HIS B 322 -36.09 2.67 14.23
N PHE B 323 -36.94 2.95 15.21
CA PHE B 323 -37.69 4.19 15.28
C PHE B 323 -37.03 5.12 16.28
N THR B 324 -36.70 6.33 15.84
CA THR B 324 -36.05 7.32 16.69
C THR B 324 -37.09 8.22 17.35
N CYS B 325 -36.77 8.68 18.55
CA CYS B 325 -37.65 9.56 19.32
C CYS B 325 -36.79 10.61 20.01
N SER B 326 -37.39 11.33 20.96
CA SER B 326 -36.64 12.33 21.71
C SER B 326 -35.42 11.71 22.37
N THR B 327 -35.52 10.46 22.81
CA THR B 327 -34.38 9.78 23.40
C THR B 327 -33.28 9.59 22.37
N ASP B 328 -32.04 9.60 22.82
CA ASP B 328 -30.87 9.47 21.96
C ASP B 328 -29.98 8.29 22.30
N THR B 329 -29.90 7.89 23.57
CA THR B 329 -29.05 6.76 23.93
C THR B 329 -29.53 5.46 23.31
N LYS B 330 -30.85 5.31 23.11
CA LYS B 330 -31.37 4.10 22.49
C LYS B 330 -30.86 3.95 21.07
N ASN B 331 -30.83 5.05 20.31
CA ASN B 331 -30.32 4.99 18.94
C ASN B 331 -28.84 4.63 18.93
N VAL B 332 -28.06 5.17 19.87
CA VAL B 332 -26.64 4.83 19.94
C VAL B 332 -26.47 3.35 20.26
N GLN B 333 -27.27 2.83 21.19
CA GLN B 333 -27.18 1.41 21.52
C GLN B 333 -27.55 0.54 20.33
N PHE B 334 -28.58 0.94 19.58
CA PHE B 334 -28.98 0.17 18.40
C PHE B 334 -27.88 0.19 17.34
N VAL B 335 -27.27 1.35 17.13
CA VAL B 335 -26.17 1.45 16.17
C VAL B 335 -25.00 0.59 16.62
N PHE B 336 -24.71 0.59 17.92
CA PHE B 336 -23.61 -0.24 18.43
C PHE B 336 -23.91 -1.72 18.21
N ASP B 337 -25.14 -2.15 18.48
CA ASP B 337 -25.49 -3.55 18.27
C ASP B 337 -25.39 -3.92 16.79
N ALA B 338 -25.87 -3.06 15.90
CA ALA B 338 -25.78 -3.34 14.47
C ALA B 338 -24.33 -3.41 14.01
N VAL B 339 -23.48 -2.51 14.51
CA VAL B 339 -22.08 -2.53 14.13
C VAL B 339 -21.40 -3.78 14.67
N THR B 340 -21.86 -4.27 15.81
CA THR B 340 -21.35 -5.47 16.51
C THR B 340 -21.72 -6.70 15.78
N ASP B 341 -22.95 -6.79 15.24
CA ASP B 341 -23.37 -7.82 14.36
C ASP B 341 -22.67 -7.91 13.07
N VAL B 342 -22.40 -6.83 12.44
CA VAL B 342 -21.67 -6.78 11.26
C VAL B 342 -20.25 -7.15 11.45
N ILE B 343 -19.56 -6.53 12.36
CA ILE B 343 -18.19 -6.95 12.60
C ILE B 343 -18.12 -8.46 12.78
N ILE B 344 -19.10 -9.03 13.48
CA ILE B 344 -19.13 -10.48 13.69
C ILE B 344 -19.22 -11.20 12.34
N LYS B 345 -20.17 -10.78 11.49
CA LYS B 345 -20.34 -11.46 10.22
C LYS B 345 -19.12 -11.26 9.33
N ASN B 346 -18.50 -10.08 9.39
CA ASN B 346 -17.29 -9.85 8.59
C ASN B 346 -16.15 -10.76 9.03
N ASN B 347 -15.94 -10.86 10.34
CA ASN B 347 -14.90 -11.75 10.86
C ASN B 347 -15.19 -13.20 10.50
N LEU B 348 -16.47 -13.59 10.53
CA LEU B 348 -16.83 -14.95 10.17
C LEU B 348 -16.57 -15.23 8.69
N LYS B 349 -16.85 -14.25 7.83
CA LYS B 349 -16.61 -14.45 6.40
C LYS B 349 -15.13 -14.37 6.06
N ASP B 350 -14.34 -13.68 6.87
CA ASP B 350 -12.91 -13.52 6.57
C ASP B 350 -12.12 -14.77 6.93
N CYS B 351 -12.41 -15.37 8.09
CA CYS B 351 -11.64 -16.54 8.52
C CYS B 351 -11.95 -17.79 7.71
N GLY B 352 -12.97 -17.75 6.83
CA GLY B 352 -13.30 -18.86 5.97
C GLY B 352 -14.54 -19.63 6.38
N LEU B 353 -15.11 -19.35 7.56
CA LEU B 353 -16.31 -20.05 7.99
C LEU B 353 -17.51 -19.66 7.13
N PHE B 354 -17.85 -18.38 7.12
CA PHE B 354 -18.97 -17.89 6.32
C PHE B 354 -18.47 -17.39 4.97
N LEU C 9 -36.55 32.91 -27.56
CA LEU C 9 -36.00 31.59 -27.16
C LEU C 9 -36.02 30.61 -28.33
N ASP C 10 -37.14 30.58 -29.05
CA ASP C 10 -37.26 29.69 -30.19
C ASP C 10 -36.24 30.04 -31.26
N GLN C 11 -36.07 31.33 -31.55
CA GLN C 11 -35.09 31.74 -32.56
C GLN C 11 -33.68 31.36 -32.13
N LEU C 12 -33.35 31.52 -30.84
CA LEU C 12 -32.03 31.14 -30.35
C LEU C 12 -31.79 29.65 -30.50
N ARG C 13 -32.80 28.83 -30.19
CA ARG C 13 -32.66 27.39 -30.33
C ARG C 13 -32.51 26.99 -31.79
N GLN C 14 -33.26 27.64 -32.69
CA GLN C 14 -33.11 27.35 -34.11
C GLN C 14 -31.71 27.73 -34.60
N GLU C 15 -31.19 28.86 -34.14
CA GLU C 15 -29.84 29.26 -34.52
C GLU C 15 -28.80 28.28 -33.99
N ALA C 16 -28.99 27.80 -32.76
CA ALA C 16 -28.08 26.82 -32.21
C ALA C 16 -28.11 25.53 -33.02
N GLU C 17 -29.31 25.07 -33.39
CA GLU C 17 -29.41 23.87 -34.21
C GLU C 17 -28.76 24.06 -35.56
N GLN C 18 -28.95 25.23 -36.17
CA GLN C 18 -28.32 25.50 -37.46
C GLN C 18 -26.80 25.50 -37.34
N LEU C 19 -26.27 26.11 -36.28
CA LEU C 19 -24.82 26.12 -36.08
C LEU C 19 -24.29 24.70 -35.85
N LYS C 20 -25.03 23.88 -35.10
CA LYS C 20 -24.61 22.51 -34.88
C LYS C 20 -24.60 21.74 -36.20
N ASN C 21 -25.62 21.92 -37.03
CA ASN C 21 -25.64 21.24 -38.32
C ASN C 21 -24.49 21.71 -39.21
N GLN C 22 -24.19 23.01 -39.18
CA GLN C 22 -23.07 23.52 -39.97
C GLN C 22 -21.75 22.93 -39.49
N ILE C 23 -21.56 22.84 -38.18
CA ILE C 23 -20.33 22.25 -37.64
C ILE C 23 -20.23 20.78 -38.03
N ARG C 24 -21.35 20.06 -37.99
CA ARG C 24 -21.34 18.66 -38.38
C ARG C 24 -20.98 18.51 -39.86
N ASP C 25 -21.57 19.34 -40.71
CA ASP C 25 -21.26 19.27 -42.14
C ASP C 25 -19.79 19.61 -42.39
N ALA C 26 -19.25 20.59 -41.66
CA ALA C 26 -17.85 20.94 -41.84
C ALA C 26 -16.94 19.80 -41.40
N ARG C 27 -17.25 19.18 -40.26
CA ARG C 27 -16.45 18.05 -39.79
C ARG C 27 -16.52 16.89 -40.77
N LYS C 28 -17.69 16.67 -41.38
CA LYS C 28 -17.82 15.58 -42.35
C LYS C 28 -17.09 15.88 -43.65
N ALA C 29 -17.04 17.16 -44.06
CA ALA C 29 -16.38 17.51 -45.30
C ALA C 29 -14.89 17.23 -45.25
N CYS C 30 -14.28 17.30 -44.07
CA CYS C 30 -12.85 17.07 -43.91
C CYS C 30 -12.50 15.59 -43.82
N ALA C 31 -13.48 14.70 -43.65
CA ALA C 31 -13.24 13.26 -43.55
C ALA C 31 -12.99 12.70 -44.96
N ASP C 32 -11.87 13.12 -45.54
CA ASP C 32 -11.51 12.64 -46.87
C ASP C 32 -11.04 11.19 -46.83
N ALA C 33 -10.34 10.80 -45.77
CA ALA C 33 -9.85 9.44 -45.63
C ALA C 33 -9.71 9.11 -44.15
N THR C 34 -9.84 7.83 -43.84
CA THR C 34 -9.74 7.36 -42.47
C THR C 34 -8.29 6.94 -42.15
N LEU C 35 -7.97 6.95 -40.86
CA LEU C 35 -6.61 6.59 -40.44
C LEU C 35 -6.29 5.15 -40.78
N SER C 36 -7.29 4.27 -40.78
CA SER C 36 -7.03 2.85 -41.07
C SER C 36 -6.58 2.65 -42.50
N GLN C 37 -7.23 3.33 -43.45
CA GLN C 37 -6.85 3.17 -44.86
C GLN C 37 -5.43 3.65 -45.12
N ILE C 38 -4.96 4.64 -44.35
CA ILE C 38 -3.62 5.16 -44.55
C ILE C 38 -2.59 4.31 -43.83
N THR C 39 -2.95 3.79 -42.65
CA THR C 39 -2.04 2.98 -41.86
C THR C 39 -1.98 1.53 -42.33
N ASN C 40 -2.88 1.11 -43.22
CA ASN C 40 -2.81 -0.23 -43.78
C ASN C 40 -1.58 -0.44 -44.66
N ASN C 41 -0.89 0.63 -45.03
CA ASN C 41 0.27 0.55 -45.91
C ASN C 41 1.57 0.33 -45.16
N ILE C 42 1.51 0.09 -43.85
CA ILE C 42 2.70 -0.17 -43.05
C ILE C 42 2.51 -1.48 -42.30
N ASP C 43 3.61 -2.19 -42.08
CA ASP C 43 3.54 -3.48 -41.42
C ASP C 43 3.13 -3.30 -39.95
N PRO C 44 2.44 -4.29 -39.37
CA PRO C 44 2.01 -4.18 -37.98
C PRO C 44 3.16 -4.41 -37.01
N VAL C 45 2.94 -3.97 -35.78
CA VAL C 45 3.92 -4.14 -34.71
C VAL C 45 3.82 -5.57 -34.18
N GLY C 46 4.96 -6.12 -33.77
CA GLY C 46 5.01 -7.45 -33.23
C GLY C 46 4.44 -7.54 -31.83
N ARG C 47 4.39 -8.76 -31.31
CA ARG C 47 3.87 -8.98 -29.97
C ARG C 47 4.75 -8.29 -28.94
N ILE C 48 4.15 -7.41 -28.15
CA ILE C 48 4.87 -6.65 -27.13
C ILE C 48 4.78 -7.41 -25.82
N GLN C 49 5.93 -7.80 -25.28
CA GLN C 49 6.01 -8.53 -24.02
C GLN C 49 6.63 -7.60 -22.97
N MET C 50 5.85 -7.30 -21.93
CA MET C 50 6.30 -6.45 -20.83
C MET C 50 6.25 -7.26 -19.55
N ARG C 51 7.41 -7.46 -18.93
CA ARG C 51 7.51 -8.24 -17.70
C ARG C 51 7.65 -7.30 -16.51
N THR C 52 6.84 -7.53 -15.48
CA THR C 52 6.90 -6.70 -14.29
C THR C 52 8.29 -6.76 -13.66
N ARG C 53 8.89 -5.58 -13.45
CA ARG C 53 10.22 -5.49 -12.87
C ARG C 53 10.16 -5.29 -11.36
N ARG C 54 9.51 -4.21 -10.93
CA ARG C 54 9.39 -3.88 -9.51
C ARG C 54 7.94 -4.02 -9.07
N THR C 55 7.76 -4.51 -7.84
CA THR C 55 6.43 -4.68 -7.24
C THR C 55 6.40 -3.83 -5.97
N LEU C 56 5.99 -2.57 -6.12
CA LEU C 56 5.94 -1.65 -5.00
C LEU C 56 4.87 -2.10 -4.00
N ARG C 57 5.26 -2.23 -2.74
CA ARG C 57 4.36 -2.64 -1.67
C ARG C 57 4.47 -1.67 -0.51
N GLY C 58 3.37 -1.51 0.22
CA GLY C 58 3.33 -0.59 1.34
C GLY C 58 1.99 0.10 1.51
N HIS C 59 1.19 0.10 0.45
CA HIS C 59 -0.14 0.69 0.52
C HIS C 59 -1.13 -0.30 1.10
N LEU C 60 -2.05 0.21 1.93
CA LEU C 60 -3.09 -0.60 2.57
C LEU C 60 -4.49 -0.15 2.15
N ALA C 61 -4.60 0.63 1.07
CA ALA C 61 -5.88 1.12 0.60
C ALA C 61 -5.88 1.11 -0.92
N LYS C 62 -7.03 1.43 -1.52
CA LYS C 62 -7.16 1.43 -2.96
C LYS C 62 -6.43 2.61 -3.57
N ILE C 63 -5.69 2.36 -4.65
CA ILE C 63 -4.97 3.41 -5.35
C ILE C 63 -5.92 4.10 -6.32
N TYR C 64 -5.79 5.41 -6.45
CA TYR C 64 -6.66 6.20 -7.33
C TYR C 64 -5.91 7.16 -8.24
N ALA C 65 -4.64 7.49 -7.96
CA ALA C 65 -3.92 8.43 -8.80
C ALA C 65 -2.42 8.22 -8.60
N MET C 66 -1.66 8.48 -9.67
CA MET C 66 -0.21 8.41 -9.62
C MET C 66 0.35 9.27 -10.73
N HIS C 67 1.54 9.81 -10.51
CA HIS C 67 2.18 10.68 -11.49
C HIS C 67 3.69 10.58 -11.36
N TRP C 68 4.36 10.46 -12.50
CA TRP C 68 5.82 10.39 -12.56
C TRP C 68 6.42 11.78 -12.45
N GLY C 69 7.74 11.80 -12.20
CA GLY C 69 8.50 13.03 -12.16
C GLY C 69 9.30 13.23 -13.44
N THR C 70 9.79 14.46 -13.62
CA THR C 70 10.60 14.75 -14.81
C THR C 70 11.84 13.88 -14.87
N ASP C 71 12.40 13.52 -13.71
CA ASP C 71 13.58 12.68 -13.68
C ASP C 71 13.32 11.25 -14.16
N SER C 72 12.05 10.88 -14.34
CA SER C 72 11.67 9.55 -14.82
C SER C 72 12.06 8.45 -13.84
N ARG C 73 12.31 8.80 -12.59
CA ARG C 73 12.69 7.83 -11.56
C ARG C 73 11.76 7.87 -10.35
N LEU C 74 11.32 9.05 -9.93
CA LEU C 74 10.42 9.20 -8.80
C LEU C 74 8.98 9.28 -9.29
N LEU C 75 8.07 8.65 -8.54
CA LEU C 75 6.66 8.71 -8.88
C LEU C 75 5.85 8.80 -7.60
N VAL C 76 4.92 9.76 -7.55
CA VAL C 76 4.09 10.01 -6.38
C VAL C 76 2.73 9.36 -6.62
N SER C 77 2.27 8.59 -5.63
CA SER C 77 1.01 7.86 -5.72
C SER C 77 0.14 8.18 -4.52
N ALA C 78 -1.17 8.27 -4.75
CA ALA C 78 -2.14 8.57 -3.71
C ALA C 78 -3.02 7.36 -3.45
N SER C 79 -3.41 7.19 -2.20
CA SER C 79 -4.28 6.09 -1.78
C SER C 79 -5.36 6.61 -0.84
N GLN C 80 -6.41 5.82 -0.68
CA GLN C 80 -7.54 6.22 0.17
C GLN C 80 -7.17 6.22 1.64
N ASP C 81 -6.02 5.69 2.03
CA ASP C 81 -5.61 5.69 3.42
C ASP C 81 -5.14 7.07 3.89
N GLY C 82 -5.04 8.04 3.00
CA GLY C 82 -4.61 9.37 3.39
C GLY C 82 -3.11 9.54 3.48
N LYS C 83 -2.35 8.74 2.73
CA LYS C 83 -0.89 8.78 2.75
C LYS C 83 -0.38 8.86 1.31
N LEU C 84 0.29 9.96 0.99
CA LEU C 84 0.93 10.12 -0.31
C LEU C 84 2.36 9.62 -0.21
N ILE C 85 2.73 8.69 -1.08
CA ILE C 85 4.04 8.06 -1.06
C ILE C 85 4.76 8.38 -2.36
N ILE C 86 6.00 8.83 -2.25
CA ILE C 86 6.85 9.10 -3.41
C ILE C 86 7.85 7.95 -3.53
N TRP C 87 7.61 7.05 -4.47
CA TRP C 87 8.43 5.87 -4.67
C TRP C 87 9.55 6.16 -5.65
N ASP C 88 10.66 5.44 -5.47
CA ASP C 88 11.80 5.49 -6.38
C ASP C 88 11.77 4.24 -7.25
N SER C 89 11.62 4.43 -8.56
CA SER C 89 11.44 3.29 -9.45
C SER C 89 12.63 2.35 -9.41
N TYR C 90 13.85 2.90 -9.39
CA TYR C 90 15.03 2.05 -9.49
C TYR C 90 15.25 1.22 -8.23
N THR C 91 14.97 1.79 -7.05
CA THR C 91 15.23 1.10 -5.79
C THR C 91 13.97 0.78 -5.01
N THR C 92 12.80 1.24 -5.45
CA THR C 92 11.54 0.95 -4.77
C THR C 92 11.54 1.46 -3.33
N ASN C 93 12.37 2.45 -3.03
CA ASN C 93 12.44 3.02 -1.69
C ASN C 93 11.53 4.24 -1.61
N LYS C 94 10.88 4.40 -0.44
CA LYS C 94 10.01 5.54 -0.22
C LYS C 94 10.84 6.78 0.11
N VAL C 95 10.63 7.84 -0.65
CA VAL C 95 11.37 9.08 -0.43
C VAL C 95 10.69 9.96 0.60
N HIS C 96 9.35 10.04 0.56
CA HIS C 96 8.60 10.81 1.54
C HIS C 96 7.26 10.14 1.78
N ALA C 97 6.65 10.48 2.91
CA ALA C 97 5.33 9.97 3.28
C ALA C 97 4.52 11.13 3.84
N ILE C 98 3.64 11.70 3.01
CA ILE C 98 2.85 12.87 3.38
C ILE C 98 1.53 12.39 3.97
N PRO C 99 1.25 12.63 5.25
CA PRO C 99 -0.06 12.27 5.81
C PRO C 99 -1.13 13.31 5.48
N LEU C 100 -2.19 12.89 4.81
CA LEU C 100 -3.24 13.81 4.39
C LEU C 100 -4.27 13.98 5.51
N ARG C 101 -4.75 15.21 5.68
CA ARG C 101 -5.78 15.47 6.67
C ARG C 101 -7.10 14.80 6.29
N SER C 102 -7.41 14.76 4.99
CA SER C 102 -8.61 14.12 4.47
C SER C 102 -8.18 12.88 3.69
N SER C 103 -8.51 11.70 4.24
CA SER C 103 -8.11 10.45 3.62
C SER C 103 -8.83 10.17 2.30
N TRP C 104 -9.83 10.98 1.95
CA TRP C 104 -10.60 10.76 0.73
C TRP C 104 -9.96 11.49 -0.45
N VAL C 105 -8.70 11.14 -0.70
CA VAL C 105 -7.94 11.71 -1.81
C VAL C 105 -8.20 10.89 -3.06
N MET C 106 -8.37 11.57 -4.20
CA MET C 106 -8.65 10.92 -5.47
C MET C 106 -7.68 11.28 -6.58
N THR C 107 -7.01 12.43 -6.49
CA THR C 107 -6.07 12.87 -7.50
C THR C 107 -4.78 13.35 -6.86
N CYS C 108 -3.70 13.28 -7.62
CA CYS C 108 -2.40 13.73 -7.16
C CYS C 108 -1.59 14.18 -8.37
N ALA C 109 -0.69 15.14 -8.13
CA ALA C 109 0.14 15.69 -9.19
C ALA C 109 1.55 15.94 -8.67
N TYR C 110 2.52 15.78 -9.55
CA TYR C 110 3.94 16.00 -9.23
C TYR C 110 4.45 17.13 -10.12
N ALA C 111 4.83 18.25 -9.50
CA ALA C 111 5.29 19.41 -10.24
C ALA C 111 6.48 19.04 -11.11
N PRO C 112 6.71 19.78 -12.20
CA PRO C 112 7.88 19.47 -13.05
C PRO C 112 9.19 19.49 -12.29
N SER C 113 9.47 20.57 -11.56
CA SER C 113 10.71 20.66 -10.79
C SER C 113 10.72 19.73 -9.58
N GLY C 114 9.57 19.18 -9.19
CA GLY C 114 9.51 18.29 -8.05
C GLY C 114 9.60 18.97 -6.70
N ASN C 115 9.51 20.31 -6.65
CA ASN C 115 9.59 21.01 -5.39
C ASN C 115 8.25 21.01 -4.65
N TYR C 116 7.14 20.95 -5.39
CA TYR C 116 5.81 20.95 -4.79
C TYR C 116 4.98 19.83 -5.40
N VAL C 117 3.97 19.40 -4.65
CA VAL C 117 3.03 18.38 -5.10
C VAL C 117 1.63 18.82 -4.71
N ALA C 118 0.65 18.45 -5.55
CA ALA C 118 -0.73 18.82 -5.35
C ALA C 118 -1.58 17.57 -5.15
N CYS C 119 -2.63 17.72 -4.35
CA CYS C 119 -3.55 16.62 -4.10
C CYS C 119 -4.93 17.18 -3.82
N GLY C 120 -5.95 16.33 -4.00
CA GLY C 120 -7.32 16.74 -3.78
C GLY C 120 -8.24 15.55 -3.75
N GLY C 121 -9.51 15.81 -3.47
CA GLY C 121 -10.51 14.76 -3.43
C GLY C 121 -11.89 15.28 -3.05
N LEU C 122 -12.61 14.48 -2.26
CA LEU C 122 -13.95 14.86 -1.84
C LEU C 122 -13.97 16.07 -0.92
N ASP C 123 -12.82 16.49 -0.39
CA ASP C 123 -12.77 17.65 0.49
C ASP C 123 -13.05 18.96 -0.23
N ASN C 124 -13.09 18.95 -1.57
CA ASN C 124 -13.36 20.15 -2.36
C ASN C 124 -12.29 21.22 -2.18
N ILE C 125 -11.11 20.83 -1.71
CA ILE C 125 -10.00 21.75 -1.50
C ILE C 125 -8.72 21.07 -1.98
N CYS C 126 -7.90 21.81 -2.72
CA CYS C 126 -6.65 21.29 -3.25
C CYS C 126 -5.50 21.68 -2.32
N SER C 127 -4.81 20.69 -1.77
CA SER C 127 -3.70 20.92 -0.87
C SER C 127 -2.38 20.82 -1.63
N ILE C 128 -1.46 21.74 -1.34
CA ILE C 128 -0.14 21.75 -1.94
C ILE C 128 0.88 21.52 -0.84
N TYR C 129 1.77 20.55 -1.04
CA TYR C 129 2.81 20.20 -0.09
C TYR C 129 4.18 20.47 -0.71
N ASN C 130 5.06 21.10 0.07
CA ASN C 130 6.40 21.43 -0.37
C ASN C 130 7.36 20.35 0.12
N LEU C 131 8.21 19.85 -0.78
CA LEU C 131 9.15 18.80 -0.46
C LEU C 131 10.56 19.32 -0.15
N LYS C 132 10.87 20.54 -0.58
CA LYS C 132 12.20 21.13 -0.37
C LYS C 132 12.22 22.11 0.80
N THR C 133 11.37 21.90 1.80
CA THR C 133 11.32 22.79 2.95
C THR C 133 12.61 22.69 3.76
N ARG C 134 13.09 23.82 4.25
CA ARG C 134 14.29 23.83 5.08
C ARG C 134 14.04 23.14 6.41
N GLU C 135 12.80 23.17 6.91
CA GLU C 135 12.50 22.52 8.19
C GLU C 135 12.78 21.02 8.14
N GLY C 136 12.66 20.41 6.96
CA GLY C 136 12.93 19.01 6.78
C GLY C 136 11.71 18.11 6.79
N ASN C 137 10.54 18.65 7.11
CA ASN C 137 9.29 17.89 7.15
C ASN C 137 8.34 18.44 6.10
N VAL C 138 7.73 17.55 5.33
CA VAL C 138 6.79 17.94 4.27
C VAL C 138 5.55 18.51 4.95
N ARG C 139 5.28 19.79 4.73
CA ARG C 139 4.14 20.48 5.31
C ARG C 139 3.32 21.12 4.20
N VAL C 140 2.00 21.21 4.44
CA VAL C 140 1.11 21.81 3.45
C VAL C 140 1.50 23.26 3.24
N SER C 141 1.66 23.65 1.98
CA SER C 141 2.05 25.01 1.64
C SER C 141 0.83 25.91 1.46
N ARG C 142 -0.09 25.54 0.58
CA ARG C 142 -1.26 26.35 0.28
C ARG C 142 -2.48 25.46 0.10
N GLU C 143 -3.62 25.96 0.56
CA GLU C 143 -4.90 25.29 0.43
C GLU C 143 -5.80 26.11 -0.49
N LEU C 144 -6.00 25.62 -1.71
CA LEU C 144 -6.85 26.28 -2.70
C LEU C 144 -8.28 25.79 -2.48
N ALA C 145 -9.11 26.69 -1.96
CA ALA C 145 -10.52 26.41 -1.70
C ALA C 145 -11.40 27.26 -2.58
N GLY C 146 -12.62 26.79 -2.81
CA GLY C 146 -13.58 27.50 -3.64
C GLY C 146 -14.41 26.58 -4.51
N HIS C 147 -13.91 25.37 -4.75
CA HIS C 147 -14.65 24.41 -5.56
C HIS C 147 -15.86 23.90 -4.81
N THR C 148 -17.00 23.84 -5.50
CA THR C 148 -18.23 23.31 -4.93
C THR C 148 -18.38 21.81 -5.17
N GLY C 149 -17.35 21.15 -5.72
CA GLY C 149 -17.40 19.73 -5.96
C GLY C 149 -16.07 19.08 -5.67
N TYR C 150 -16.08 17.75 -5.70
CA TYR C 150 -14.86 16.99 -5.42
C TYR C 150 -13.83 17.21 -6.52
N LEU C 151 -12.56 17.22 -6.13
CA LEU C 151 -11.47 17.38 -7.08
C LEU C 151 -11.24 16.05 -7.81
N SER C 152 -11.39 16.08 -9.14
CA SER C 152 -11.24 14.88 -9.94
C SER C 152 -9.82 14.72 -10.49
N CYS C 153 -9.19 15.82 -10.90
CA CYS C 153 -7.85 15.77 -11.47
C CYS C 153 -7.22 17.14 -11.37
N CYS C 154 -5.89 17.16 -11.40
CA CYS C 154 -5.13 18.40 -11.33
C CYS C 154 -3.74 18.16 -11.91
N ARG C 155 -3.20 19.20 -12.54
CA ARG C 155 -1.86 19.13 -13.14
C ARG C 155 -1.19 20.48 -13.00
N PHE C 156 0.13 20.45 -12.83
CA PHE C 156 0.92 21.66 -12.63
C PHE C 156 1.19 22.32 -13.98
N LEU C 157 0.65 23.52 -14.17
CA LEU C 157 0.99 24.30 -15.37
C LEU C 157 2.37 24.91 -15.23
N ASP C 158 2.72 25.39 -14.04
CA ASP C 158 4.01 26.00 -13.79
C ASP C 158 4.24 26.02 -12.28
N ASP C 159 5.48 26.30 -11.90
CA ASP C 159 5.81 26.38 -10.47
C ASP C 159 4.98 27.44 -9.76
N ASN C 160 4.49 28.43 -10.49
CA ASN C 160 3.74 29.53 -9.90
C ASN C 160 2.23 29.31 -9.96
N GLN C 161 1.72 28.80 -11.08
CA GLN C 161 0.29 28.60 -11.28
C GLN C 161 -0.01 27.13 -11.48
N ILE C 162 -1.27 26.76 -11.25
CA ILE C 162 -1.74 25.39 -11.39
C ILE C 162 -3.18 25.42 -11.87
N VAL C 163 -3.61 24.32 -12.47
CA VAL C 163 -4.99 24.16 -12.93
C VAL C 163 -5.61 22.98 -12.19
N THR C 164 -6.88 23.12 -11.83
CA THR C 164 -7.59 22.10 -11.08
C THR C 164 -8.94 21.84 -11.74
N SER C 165 -9.44 20.62 -11.54
CA SER C 165 -10.73 20.20 -12.07
C SER C 165 -11.59 19.67 -10.94
N SER C 166 -12.78 20.23 -10.80
CA SER C 166 -13.72 19.86 -9.75
C SER C 166 -14.99 19.29 -10.36
N GLY C 167 -15.72 18.53 -9.55
CA GLY C 167 -16.96 17.91 -10.00
C GLY C 167 -18.11 18.88 -10.20
N ASP C 168 -17.90 20.18 -9.98
CA ASP C 168 -18.94 21.18 -10.17
C ASP C 168 -19.11 21.59 -11.63
N THR C 169 -18.52 20.86 -12.57
CA THR C 169 -18.63 21.11 -14.01
C THR C 169 -17.84 22.33 -14.46
N THR C 170 -16.92 22.84 -13.64
CA THR C 170 -16.14 24.02 -13.98
C THR C 170 -14.74 23.88 -13.39
N CYS C 171 -13.73 24.19 -14.19
CA CYS C 171 -12.35 24.14 -13.77
C CYS C 171 -11.86 25.54 -13.38
N ALA C 172 -10.70 25.59 -12.72
CA ALA C 172 -10.18 26.86 -12.25
C ALA C 172 -8.66 26.82 -12.24
N LEU C 173 -8.06 27.95 -12.60
CA LEU C 173 -6.61 28.14 -12.56
C LEU C 173 -6.27 28.97 -11.34
N TRP C 174 -5.51 28.39 -10.42
CA TRP C 174 -5.14 29.04 -9.17
C TRP C 174 -3.66 29.39 -9.17
N ASP C 175 -3.35 30.59 -8.71
CA ASP C 175 -1.98 31.02 -8.52
C ASP C 175 -1.52 30.68 -7.10
N ILE C 176 -0.35 30.06 -7.00
CA ILE C 176 0.14 29.61 -5.69
C ILE C 176 0.44 30.81 -4.80
N GLU C 177 1.24 31.76 -5.31
CA GLU C 177 1.62 32.91 -4.50
C GLU C 177 0.40 33.72 -4.07
N THR C 178 -0.63 33.76 -4.91
CA THR C 178 -1.85 34.52 -4.60
C THR C 178 -2.89 33.66 -3.89
N GLY C 179 -3.16 32.46 -4.40
CA GLY C 179 -4.13 31.58 -3.81
C GLY C 179 -5.55 31.79 -4.26
N GLN C 180 -5.80 32.72 -5.17
CA GLN C 180 -7.14 33.00 -5.68
C GLN C 180 -7.20 32.64 -7.15
N GLN C 181 -8.29 32.00 -7.56
CA GLN C 181 -8.45 31.59 -8.94
C GLN C 181 -8.51 32.80 -9.86
N THR C 182 -7.68 32.79 -10.90
CA THR C 182 -7.63 33.88 -11.86
C THR C 182 -8.51 33.62 -13.08
N THR C 183 -8.58 32.37 -13.54
CA THR C 183 -9.39 31.99 -14.69
C THR C 183 -10.33 30.87 -14.30
N THR C 184 -11.59 30.97 -14.73
CA THR C 184 -12.61 29.98 -14.46
C THR C 184 -13.15 29.45 -15.77
N PHE C 185 -12.92 28.17 -16.03
CA PHE C 185 -13.37 27.52 -17.26
C PHE C 185 -14.74 26.91 -17.01
N THR C 186 -15.75 27.38 -17.74
CA THR C 186 -17.12 26.90 -17.62
C THR C 186 -17.65 26.55 -19.01
N GLY C 187 -18.62 25.63 -19.02
CA GLY C 187 -19.22 25.19 -20.27
C GLY C 187 -19.57 23.72 -20.28
N HIS C 188 -18.96 22.95 -19.38
CA HIS C 188 -19.26 21.53 -19.28
C HIS C 188 -20.62 21.32 -18.63
N THR C 189 -21.41 20.41 -19.22
CA THR C 189 -22.69 20.04 -18.66
C THR C 189 -22.59 18.93 -17.61
N GLY C 190 -21.54 18.12 -17.67
CA GLY C 190 -21.33 17.06 -16.71
C GLY C 190 -20.06 17.30 -15.90
N ASP C 191 -19.89 16.50 -14.86
CA ASP C 191 -18.74 16.62 -13.99
C ASP C 191 -17.46 16.30 -14.74
N VAL C 192 -16.46 17.17 -14.62
CA VAL C 192 -15.17 16.93 -15.25
C VAL C 192 -14.44 15.85 -14.48
N MET C 193 -13.85 14.90 -15.22
CA MET C 193 -13.24 13.72 -14.62
C MET C 193 -11.72 13.74 -14.65
N SER C 194 -11.10 14.15 -15.76
CA SER C 194 -9.65 14.09 -15.88
C SER C 194 -9.16 15.25 -16.73
N LEU C 195 -7.86 15.54 -16.60
CA LEU C 195 -7.20 16.60 -17.34
C LEU C 195 -5.93 16.05 -17.99
N SER C 196 -5.37 16.84 -18.90
CA SER C 196 -4.12 16.48 -19.56
C SER C 196 -3.52 17.74 -20.16
N LEU C 197 -2.28 18.05 -19.78
CA LEU C 197 -1.61 19.25 -20.24
C LEU C 197 -0.82 18.97 -21.51
N ALA C 198 -0.79 19.94 -22.42
CA ALA C 198 -0.05 19.81 -23.66
C ALA C 198 1.44 20.07 -23.41
N PRO C 199 2.31 19.65 -24.34
CA PRO C 199 3.75 19.89 -24.15
C PRO C 199 4.09 21.36 -23.98
N ASP C 200 3.34 22.27 -24.61
CA ASP C 200 3.61 23.69 -24.52
C ASP C 200 2.90 24.36 -23.35
N THR C 201 1.96 23.67 -22.70
CA THR C 201 1.20 24.19 -21.57
C THR C 201 0.32 25.37 -21.95
N ARG C 202 0.09 25.61 -23.24
CA ARG C 202 -0.77 26.70 -23.68
C ARG C 202 -2.22 26.29 -23.80
N LEU C 203 -2.49 25.06 -24.21
CA LEU C 203 -3.84 24.54 -24.33
C LEU C 203 -3.96 23.23 -23.57
N PHE C 204 -5.17 22.90 -23.13
CA PHE C 204 -5.39 21.68 -22.38
C PHE C 204 -6.80 21.16 -22.66
N VAL C 205 -6.92 19.84 -22.73
CA VAL C 205 -8.20 19.17 -22.97
C VAL C 205 -8.73 18.62 -21.66
N SER C 206 -10.05 18.66 -21.52
CA SER C 206 -10.72 18.17 -20.32
C SER C 206 -11.97 17.41 -20.72
N GLY C 207 -12.16 16.23 -20.14
CA GLY C 207 -13.34 15.41 -20.40
C GLY C 207 -14.28 15.41 -19.20
N ALA C 208 -15.56 15.31 -19.49
CA ALA C 208 -16.59 15.35 -18.46
C ALA C 208 -17.57 14.20 -18.66
N CYS C 209 -18.50 14.07 -17.70
CA CYS C 209 -19.49 13.01 -17.74
C CYS C 209 -20.53 13.20 -18.84
N ASP C 210 -20.51 14.33 -19.54
CA ASP C 210 -21.46 14.60 -20.61
C ASP C 210 -21.08 13.93 -21.92
N ALA C 211 -20.14 12.98 -21.90
CA ALA C 211 -19.74 12.23 -23.09
C ALA C 211 -19.14 13.14 -24.15
N SER C 212 -18.40 14.16 -23.73
CA SER C 212 -17.75 15.07 -24.66
C SER C 212 -16.55 15.71 -23.97
N ALA C 213 -15.56 16.07 -24.78
CA ALA C 213 -14.33 16.69 -24.31
C ALA C 213 -14.26 18.12 -24.84
N LYS C 214 -13.47 18.96 -24.15
CA LYS C 214 -13.32 20.35 -24.53
C LYS C 214 -11.87 20.78 -24.40
N LEU C 215 -11.34 21.37 -25.47
CA LEU C 215 -10.01 21.97 -25.48
C LEU C 215 -10.14 23.45 -25.14
N TRP C 216 -9.43 23.87 -24.08
CA TRP C 216 -9.43 25.24 -23.60
C TRP C 216 -8.03 25.81 -23.69
N ASP C 217 -7.95 27.14 -23.66
CA ASP C 217 -6.69 27.87 -23.63
C ASP C 217 -6.46 28.43 -22.24
N VAL C 218 -5.19 28.62 -21.88
CA VAL C 218 -4.85 29.10 -20.55
C VAL C 218 -5.09 30.59 -20.43
N ARG C 219 -4.41 31.38 -21.28
CA ARG C 219 -4.49 32.83 -21.16
C ARG C 219 -5.87 33.36 -21.52
N GLU C 220 -6.50 32.79 -22.55
CA GLU C 220 -7.81 33.27 -22.96
C GLU C 220 -8.90 32.86 -21.99
N GLY C 221 -8.83 31.63 -21.48
CA GLY C 221 -9.83 31.16 -20.54
C GLY C 221 -11.17 30.83 -21.17
N MET C 222 -11.18 30.50 -22.46
CA MET C 222 -12.40 30.16 -23.18
C MET C 222 -12.25 28.80 -23.85
N CYS C 223 -13.38 28.14 -24.08
CA CYS C 223 -13.38 26.85 -24.76
C CYS C 223 -12.91 27.03 -26.20
N ARG C 224 -11.69 26.57 -26.50
CA ARG C 224 -11.16 26.71 -27.84
C ARG C 224 -11.88 25.79 -28.81
N GLN C 225 -12.26 24.60 -28.37
CA GLN C 225 -12.92 23.65 -29.26
C GLN C 225 -13.63 22.58 -28.44
N THR C 226 -14.57 21.90 -29.08
CA THR C 226 -15.31 20.81 -28.47
C THR C 226 -15.25 19.56 -29.34
N PHE C 227 -15.28 18.40 -28.70
CA PHE C 227 -15.23 17.11 -29.38
C PHE C 227 -16.27 16.19 -28.78
N THR C 228 -16.97 15.44 -29.64
CA THR C 228 -18.00 14.51 -29.21
C THR C 228 -17.80 13.18 -29.91
N GLY C 229 -18.56 12.19 -29.48
CA GLY C 229 -18.47 10.86 -30.05
C GLY C 229 -18.63 9.75 -29.03
N HIS C 230 -18.43 10.08 -27.76
CA HIS C 230 -18.54 9.09 -26.69
C HIS C 230 -20.00 8.82 -26.35
N GLU C 231 -20.25 7.64 -25.80
CA GLU C 231 -21.59 7.23 -25.41
C GLU C 231 -21.78 7.17 -23.90
N SER C 232 -20.73 7.45 -23.12
CA SER C 232 -20.82 7.41 -21.67
C SER C 232 -19.86 8.44 -21.09
N ASP C 233 -19.78 8.48 -19.77
CA ASP C 233 -18.92 9.44 -19.09
C ASP C 233 -17.46 9.18 -19.43
N ILE C 234 -16.76 10.24 -19.84
CA ILE C 234 -15.34 10.16 -20.18
C ILE C 234 -14.56 10.14 -18.88
N ASN C 235 -13.91 9.00 -18.60
CA ASN C 235 -13.16 8.83 -17.36
C ASN C 235 -11.74 9.36 -17.46
N ALA C 236 -11.05 9.09 -18.56
CA ALA C 236 -9.64 9.45 -18.70
C ALA C 236 -9.42 10.21 -20.00
N ILE C 237 -8.39 11.06 -20.00
CA ILE C 237 -8.02 11.82 -21.17
C ILE C 237 -6.52 12.08 -21.11
N CYS C 238 -5.85 11.90 -22.25
CA CYS C 238 -4.40 12.08 -22.32
C CYS C 238 -4.06 12.82 -23.61
N PHE C 239 -2.97 13.58 -23.57
CA PHE C 239 -2.50 14.34 -24.72
C PHE C 239 -1.50 13.52 -25.52
N PHE C 240 -1.53 13.70 -26.84
CA PHE C 240 -0.59 13.01 -27.70
C PHE C 240 0.80 13.64 -27.55
N PRO C 241 1.87 12.85 -27.61
CA PRO C 241 3.21 13.43 -27.42
C PRO C 241 3.51 14.61 -28.35
N ASN C 242 2.88 14.65 -29.53
CA ASN C 242 3.11 15.75 -30.46
C ASN C 242 2.31 17.00 -30.10
N GLY C 243 1.23 16.84 -29.32
CA GLY C 243 0.43 17.97 -28.90
C GLY C 243 -0.68 18.36 -29.85
N ASN C 244 -0.84 17.66 -30.96
CA ASN C 244 -1.87 17.97 -31.94
C ASN C 244 -3.07 17.04 -31.84
N ALA C 245 -3.01 16.00 -31.02
CA ALA C 245 -4.11 15.06 -30.85
C ALA C 245 -4.20 14.65 -29.39
N PHE C 246 -5.30 13.99 -29.05
CA PHE C 246 -5.51 13.53 -27.67
C PHE C 246 -6.46 12.34 -27.68
N ALA C 247 -6.21 11.41 -26.76
CA ALA C 247 -7.05 10.24 -26.60
C ALA C 247 -7.95 10.38 -25.38
N THR C 248 -9.11 9.74 -25.46
CA THR C 248 -10.11 9.78 -24.40
C THR C 248 -10.66 8.38 -24.18
N GLY C 249 -10.96 8.07 -22.91
CA GLY C 249 -11.53 6.79 -22.54
C GLY C 249 -12.71 6.96 -21.61
N SER C 250 -13.83 6.34 -21.96
CA SER C 250 -15.09 6.47 -21.23
C SER C 250 -15.57 5.10 -20.78
N ASP C 251 -16.75 5.07 -20.17
CA ASP C 251 -17.31 3.83 -19.67
C ASP C 251 -17.87 2.93 -20.77
N ASP C 252 -17.88 3.40 -22.02
CA ASP C 252 -18.44 2.63 -23.13
C ASP C 252 -17.49 1.54 -23.62
N ALA C 253 -16.41 1.25 -22.89
CA ALA C 253 -15.51 0.16 -23.22
C ALA C 253 -14.85 0.36 -24.59
N THR C 254 -14.33 1.57 -24.80
CA THR C 254 -13.65 1.89 -26.04
C THR C 254 -12.98 3.24 -25.91
N CYS C 255 -11.82 3.38 -26.54
CA CYS C 255 -11.08 4.65 -26.58
C CYS C 255 -11.36 5.37 -27.89
N ARG C 256 -11.11 6.68 -27.87
CA ARG C 256 -11.32 7.51 -29.04
C ARG C 256 -10.21 8.54 -29.15
N LEU C 257 -9.59 8.61 -30.32
CA LEU C 257 -8.50 9.55 -30.59
C LEU C 257 -9.04 10.69 -31.44
N PHE C 258 -8.87 11.92 -30.96
CA PHE C 258 -9.32 13.11 -31.64
C PHE C 258 -8.12 13.98 -32.00
N ASP C 259 -8.27 14.78 -33.05
CA ASP C 259 -7.22 15.69 -33.51
C ASP C 259 -7.69 17.12 -33.35
N LEU C 260 -6.82 17.97 -32.79
CA LEU C 260 -7.17 19.36 -32.56
C LEU C 260 -7.32 20.14 -33.86
N ARG C 261 -6.76 19.65 -34.96
CA ARG C 261 -6.83 20.33 -36.24
C ARG C 261 -7.91 19.78 -37.15
N ALA C 262 -8.21 18.48 -37.06
CA ALA C 262 -9.28 17.90 -37.89
C ALA C 262 -10.65 18.11 -37.28
N ASP C 263 -10.74 18.22 -35.96
CA ASP C 263 -12.01 18.46 -35.27
C ASP C 263 -12.96 17.27 -35.42
N GLN C 264 -12.41 16.06 -35.30
CA GLN C 264 -13.21 14.85 -35.37
C GLN C 264 -12.33 13.66 -35.03
N GLU C 265 -12.98 12.53 -34.72
CA GLU C 265 -12.26 11.34 -34.32
C GLU C 265 -11.52 10.73 -35.51
N LEU C 266 -10.35 10.16 -35.24
CA LEU C 266 -9.53 9.53 -36.27
C LEU C 266 -9.76 8.02 -36.32
N MET C 267 -9.72 7.36 -35.17
CA MET C 267 -9.87 5.91 -35.12
C MET C 267 -10.41 5.53 -33.74
N THR C 268 -11.13 4.41 -33.69
CA THR C 268 -11.70 3.89 -32.47
C THR C 268 -11.02 2.59 -32.06
N TYR C 269 -10.91 2.38 -30.76
CA TYR C 269 -10.28 1.18 -30.20
C TYR C 269 -11.32 0.44 -29.36
N SER C 270 -11.65 -0.78 -29.78
CA SER C 270 -12.68 -1.55 -29.08
C SER C 270 -12.53 -3.01 -29.47
N HIS C 271 -13.08 -3.89 -28.63
CA HIS C 271 -13.07 -5.32 -28.87
C HIS C 271 -14.31 -5.93 -28.23
N ASP C 272 -14.81 -6.99 -28.85
CA ASP C 272 -16.06 -7.61 -28.39
C ASP C 272 -15.93 -8.11 -26.96
N ASN C 273 -14.80 -8.73 -26.61
CA ASN C 273 -14.63 -9.29 -25.28
C ASN C 273 -14.51 -8.23 -24.20
N ILE C 274 -14.32 -6.96 -24.56
CA ILE C 274 -14.20 -5.87 -23.61
C ILE C 274 -15.59 -5.24 -23.46
N ILE C 275 -16.17 -5.36 -22.27
CA ILE C 275 -17.49 -4.80 -21.98
C ILE C 275 -17.47 -3.83 -20.82
N CYS C 276 -16.37 -3.71 -20.09
CA CYS C 276 -16.28 -2.82 -18.95
C CYS C 276 -15.68 -1.47 -19.36
N GLY C 277 -15.84 -0.49 -18.47
CA GLY C 277 -15.34 0.83 -18.74
C GLY C 277 -13.83 0.93 -18.63
N ILE C 278 -13.31 2.10 -19.00
CA ILE C 278 -11.89 2.39 -18.98
C ILE C 278 -11.62 3.41 -17.87
N THR C 279 -10.49 3.26 -17.19
CA THR C 279 -10.14 4.10 -16.05
C THR C 279 -9.00 5.06 -16.34
N SER C 280 -7.99 4.65 -17.09
CA SER C 280 -6.83 5.49 -17.36
C SER C 280 -6.31 5.22 -18.75
N VAL C 281 -5.68 6.24 -19.34
CA VAL C 281 -5.11 6.16 -20.67
C VAL C 281 -3.83 7.01 -20.69
N SER C 282 -2.82 6.53 -21.42
CA SER C 282 -1.56 7.26 -21.52
C SER C 282 -0.81 6.79 -22.76
N PHE C 283 -0.20 7.74 -23.46
CA PHE C 283 0.59 7.44 -24.64
C PHE C 283 2.04 7.16 -24.26
N SER C 284 2.78 6.59 -25.21
CA SER C 284 4.20 6.36 -25.05
C SER C 284 4.98 7.61 -25.45
N LYS C 285 6.31 7.53 -25.33
CA LYS C 285 7.15 8.66 -25.70
C LYS C 285 6.99 8.98 -27.19
N SER C 286 6.99 7.95 -28.03
CA SER C 286 6.85 8.12 -29.48
C SER C 286 5.40 8.12 -29.94
N GLY C 287 4.46 7.65 -29.11
CA GLY C 287 3.07 7.59 -29.48
C GLY C 287 2.70 6.45 -30.40
N ARG C 288 3.65 5.58 -30.76
CA ARG C 288 3.34 4.47 -31.64
C ARG C 288 2.36 3.50 -31.01
N LEU C 289 2.35 3.41 -29.68
CA LEU C 289 1.48 2.51 -28.94
C LEU C 289 0.71 3.29 -27.89
N LEU C 290 -0.49 2.82 -27.56
CA LEU C 290 -1.33 3.41 -26.53
C LEU C 290 -1.61 2.37 -25.45
N LEU C 291 -1.78 2.83 -24.22
CA LEU C 291 -2.09 1.95 -23.10
C LEU C 291 -3.40 2.40 -22.45
N ALA C 292 -4.23 1.44 -22.05
CA ALA C 292 -5.52 1.73 -21.46
C ALA C 292 -5.80 0.74 -20.34
N GLY C 293 -6.13 1.29 -19.16
CA GLY C 293 -6.49 0.46 -18.02
C GLY C 293 -7.98 0.18 -18.00
N TYR C 294 -8.31 -1.11 -17.85
CA TYR C 294 -9.68 -1.57 -17.85
C TYR C 294 -10.02 -2.17 -16.49
N ASP C 295 -11.32 -2.41 -16.28
CA ASP C 295 -11.80 -2.91 -15.01
C ASP C 295 -11.63 -4.42 -14.85
N ASP C 296 -11.20 -5.13 -15.90
CA ASP C 296 -11.04 -6.58 -15.81
C ASP C 296 -9.65 -6.93 -15.30
N PHE C 297 -9.25 -6.31 -14.18
CA PHE C 297 -8.03 -6.68 -13.46
C PHE C 297 -6.83 -6.79 -14.39
N ASN C 298 -6.71 -5.84 -15.33
CA ASN C 298 -5.58 -5.83 -16.24
C ASN C 298 -5.64 -4.57 -17.09
N CYS C 299 -4.57 -4.36 -17.86
CA CYS C 299 -4.48 -3.25 -18.81
C CYS C 299 -4.18 -3.80 -20.19
N ASN C 300 -4.48 -3.01 -21.22
CA ASN C 300 -4.31 -3.45 -22.60
C ASN C 300 -3.55 -2.40 -23.39
N VAL C 301 -2.71 -2.88 -24.32
CA VAL C 301 -1.95 -2.02 -25.22
C VAL C 301 -2.57 -2.14 -26.62
N TRP C 302 -2.70 -1.00 -27.29
CA TRP C 302 -3.31 -0.91 -28.60
C TRP C 302 -2.37 -0.20 -29.56
N ASP C 303 -2.51 -0.51 -30.85
CA ASP C 303 -1.74 0.15 -31.88
C ASP C 303 -2.41 1.47 -32.25
N ALA C 304 -1.72 2.58 -31.98
CA ALA C 304 -2.29 3.90 -32.25
C ALA C 304 -2.57 4.11 -33.72
N LEU C 305 -1.99 3.30 -34.61
CA LEU C 305 -2.17 3.43 -36.05
C LEU C 305 -3.08 2.37 -36.64
N LYS C 306 -3.16 1.18 -36.03
CA LYS C 306 -3.98 0.10 -36.54
C LYS C 306 -4.99 -0.42 -35.53
N ALA C 307 -4.97 0.06 -34.29
CA ALA C 307 -5.89 -0.33 -33.24
C ALA C 307 -5.77 -1.80 -32.86
N ASP C 308 -4.73 -2.49 -33.32
CA ASP C 308 -4.52 -3.89 -32.98
C ASP C 308 -3.94 -4.01 -31.58
N ARG C 309 -4.48 -4.93 -30.79
CA ARG C 309 -4.01 -5.12 -29.43
C ARG C 309 -2.56 -5.61 -29.44
N ALA C 310 -1.67 -4.80 -28.86
CA ALA C 310 -0.26 -5.14 -28.83
C ALA C 310 0.10 -6.08 -27.68
N GLY C 311 -0.67 -6.07 -26.60
CA GLY C 311 -0.38 -6.94 -25.48
C GLY C 311 -1.34 -6.68 -24.34
N VAL C 312 -1.25 -7.55 -23.34
CA VAL C 312 -2.08 -7.46 -22.14
C VAL C 312 -1.17 -7.52 -20.92
N LEU C 313 -1.31 -6.54 -20.03
CA LEU C 313 -0.56 -6.48 -18.78
C LEU C 313 -1.51 -6.93 -17.67
N ALA C 314 -1.33 -8.17 -17.22
CA ALA C 314 -2.15 -8.76 -16.18
C ALA C 314 -1.33 -8.97 -14.91
N GLY C 315 -2.04 -9.09 -13.80
CA GLY C 315 -1.39 -9.28 -12.51
C GLY C 315 -2.06 -8.51 -11.40
N HIS C 316 -2.79 -7.45 -11.77
CA HIS C 316 -3.50 -6.66 -10.77
C HIS C 316 -4.64 -7.48 -10.17
N ASP C 317 -4.84 -7.30 -8.87
CA ASP C 317 -5.86 -8.04 -8.14
C ASP C 317 -7.19 -7.32 -8.06
N ASN C 318 -7.26 -6.07 -8.49
CA ASN C 318 -8.49 -5.28 -8.44
C ASN C 318 -8.54 -4.37 -9.65
N ARG C 319 -9.60 -3.58 -9.73
CA ARG C 319 -9.80 -2.67 -10.85
C ARG C 319 -8.58 -1.78 -11.05
N VAL C 320 -8.06 -1.76 -12.28
CA VAL C 320 -6.97 -0.85 -12.61
C VAL C 320 -7.46 0.59 -12.53
N SER C 321 -6.77 1.41 -11.76
CA SER C 321 -7.20 2.78 -11.48
C SER C 321 -6.38 3.84 -12.17
N CYS C 322 -5.08 3.62 -12.38
CA CYS C 322 -4.23 4.65 -12.96
C CYS C 322 -3.03 3.99 -13.63
N LEU C 323 -2.48 4.69 -14.61
CA LEU C 323 -1.28 4.22 -15.31
C LEU C 323 -0.55 5.41 -15.90
N GLY C 324 0.77 5.31 -15.94
CA GLY C 324 1.60 6.40 -16.43
C GLY C 324 2.92 5.94 -17.00
N VAL C 325 3.30 6.50 -18.15
CA VAL C 325 4.56 6.17 -18.82
C VAL C 325 5.59 7.23 -18.45
N THR C 326 6.82 6.79 -18.20
CA THR C 326 7.88 7.72 -17.85
C THR C 326 8.13 8.71 -18.98
N ASP C 327 8.72 9.86 -18.63
CA ASP C 327 9.03 10.86 -19.64
C ASP C 327 9.97 10.32 -20.71
N ASP C 328 10.83 9.38 -20.35
CA ASP C 328 11.75 8.77 -21.30
C ASP C 328 11.20 7.50 -21.93
N GLY C 329 10.07 6.98 -21.44
CA GLY C 329 9.48 5.78 -22.02
C GLY C 329 10.20 4.51 -21.68
N MET C 330 11.00 4.50 -20.62
CA MET C 330 11.73 3.28 -20.24
C MET C 330 10.77 2.22 -19.71
N ALA C 331 9.95 2.57 -18.73
CA ALA C 331 8.99 1.65 -18.14
C ALA C 331 7.69 2.40 -17.91
N VAL C 332 6.64 1.64 -17.58
CA VAL C 332 5.31 2.19 -17.34
C VAL C 332 4.79 1.67 -16.02
N ALA C 333 4.27 2.55 -15.18
CA ALA C 333 3.72 2.20 -13.88
C ALA C 333 2.20 2.08 -13.97
N THR C 334 1.65 1.18 -13.17
CA THR C 334 0.21 0.93 -13.14
C THR C 334 -0.21 0.66 -11.71
N GLY C 335 -1.20 1.42 -11.23
CA GLY C 335 -1.74 1.26 -9.89
C GLY C 335 -3.22 0.91 -9.95
N SER C 336 -3.63 0.01 -9.05
CA SER C 336 -5.01 -0.46 -9.02
C SER C 336 -5.50 -0.42 -7.58
N TRP C 337 -6.80 -0.72 -7.42
CA TRP C 337 -7.41 -0.69 -6.09
C TRP C 337 -6.87 -1.78 -5.17
N ASP C 338 -6.08 -2.72 -5.67
CA ASP C 338 -5.54 -3.77 -4.83
C ASP C 338 -4.42 -3.29 -3.91
N SER C 339 -4.07 -2.01 -3.95
CA SER C 339 -3.06 -1.41 -3.08
C SER C 339 -1.64 -1.79 -3.49
N PHE C 340 -1.42 -2.15 -4.76
CA PHE C 340 -0.09 -2.46 -5.27
C PHE C 340 0.12 -1.74 -6.59
N LEU C 341 1.30 -1.15 -6.75
CA LEU C 341 1.68 -0.43 -7.96
C LEU C 341 2.82 -1.19 -8.62
N LYS C 342 2.59 -1.64 -9.86
CA LYS C 342 3.55 -2.46 -10.59
C LYS C 342 4.17 -1.68 -11.73
N ILE C 343 5.47 -1.85 -11.91
CA ILE C 343 6.23 -1.24 -13.00
C ILE C 343 6.51 -2.33 -14.03
N TRP C 344 6.21 -2.04 -15.29
CA TRP C 344 6.37 -2.97 -16.38
C TRP C 344 7.35 -2.40 -17.41
N ASN C 345 8.13 -3.28 -18.01
CA ASN C 345 9.11 -2.89 -19.03
C ASN C 345 9.31 -4.05 -20.01
N ALA D 7 -33.57 32.93 -17.48
CA ALA D 7 -32.22 32.33 -17.52
C ALA D 7 -32.01 31.57 -18.82
N SER D 8 -33.09 30.95 -19.33
CA SER D 8 -32.99 30.19 -20.56
C SER D 8 -32.49 31.06 -21.72
N ILE D 9 -32.87 32.34 -21.72
CA ILE D 9 -32.44 33.24 -22.80
C ILE D 9 -30.92 33.39 -22.77
N ALA D 10 -30.35 33.65 -21.59
CA ALA D 10 -28.90 33.80 -21.48
C ALA D 10 -28.19 32.51 -21.85
N GLN D 11 -28.71 31.37 -21.41
CA GLN D 11 -28.11 30.09 -21.75
C GLN D 11 -28.09 29.88 -23.26
N ALA D 12 -29.22 30.13 -23.92
CA ALA D 12 -29.28 29.95 -25.37
C ALA D 12 -28.35 30.92 -26.09
N ARG D 13 -28.26 32.16 -25.60
CA ARG D 13 -27.36 33.13 -26.22
C ARG D 13 -25.91 32.68 -26.10
N LYS D 14 -25.51 32.24 -24.91
CA LYS D 14 -24.15 31.75 -24.73
C LYS D 14 -23.89 30.53 -25.59
N LEU D 15 -24.87 29.64 -25.72
CA LEU D 15 -24.69 28.44 -26.54
C LEU D 15 -24.49 28.80 -28.00
N VAL D 16 -25.33 29.70 -28.53
CA VAL D 16 -25.19 30.07 -29.93
C VAL D 16 -23.88 30.82 -30.17
N GLU D 17 -23.46 31.64 -29.20
CA GLU D 17 -22.19 32.34 -29.34
C GLU D 17 -21.02 31.35 -29.37
N GLN D 18 -21.03 30.37 -28.47
CA GLN D 18 -19.96 29.37 -28.46
C GLN D 18 -19.96 28.55 -29.74
N LEU D 19 -21.14 28.21 -30.24
CA LEU D 19 -21.21 27.44 -31.48
C LEU D 19 -20.68 28.24 -32.66
N LYS D 20 -21.03 29.53 -32.74
CA LYS D 20 -20.51 30.36 -33.81
C LYS D 20 -19.00 30.52 -33.69
N MET D 21 -18.49 30.62 -32.47
CA MET D 21 -17.04 30.74 -32.28
C MET D 21 -16.32 29.47 -32.73
N GLU D 22 -16.83 28.30 -32.31
CA GLU D 22 -16.21 27.05 -32.69
C GLU D 22 -16.34 26.74 -34.18
N ALA D 23 -17.27 27.41 -34.88
CA ALA D 23 -17.46 27.17 -36.29
C ALA D 23 -16.53 28.00 -37.17
N ASN D 24 -15.80 28.96 -36.60
CA ASN D 24 -14.91 29.81 -37.37
C ASN D 24 -13.47 29.32 -37.39
N ILE D 25 -13.10 28.42 -36.47
CA ILE D 25 -11.72 27.95 -36.42
C ILE D 25 -11.38 27.23 -37.73
N ASP D 26 -10.10 27.27 -38.09
CA ASP D 26 -9.64 26.62 -39.31
C ASP D 26 -9.50 25.11 -39.10
N ARG D 27 -9.57 24.38 -40.20
CA ARG D 27 -9.48 22.92 -40.17
C ARG D 27 -8.59 22.47 -41.31
N ILE D 28 -8.19 21.19 -41.26
CA ILE D 28 -7.34 20.57 -42.27
C ILE D 28 -7.92 19.21 -42.62
N LYS D 29 -7.38 18.63 -43.69
CA LYS D 29 -7.83 17.31 -44.12
C LYS D 29 -7.37 16.24 -43.14
N VAL D 30 -8.25 15.27 -42.87
CA VAL D 30 -7.91 14.19 -41.96
C VAL D 30 -6.72 13.41 -42.48
N SER D 31 -6.60 13.28 -43.81
CA SER D 31 -5.47 12.53 -44.37
C SER D 31 -4.15 13.19 -44.01
N LYS D 32 -4.08 14.52 -44.06
CA LYS D 32 -2.84 15.21 -43.74
C LYS D 32 -2.47 15.04 -42.27
N ALA D 33 -3.46 15.14 -41.37
CA ALA D 33 -3.19 14.93 -39.96
C ALA D 33 -2.72 13.51 -39.70
N ALA D 34 -3.36 12.52 -40.33
CA ALA D 34 -2.93 11.14 -40.17
C ALA D 34 -1.51 10.94 -40.68
N ALA D 35 -1.17 11.53 -41.82
CA ALA D 35 0.18 11.42 -42.35
C ALA D 35 1.20 12.05 -41.41
N ASP D 36 0.86 13.21 -40.84
CA ASP D 36 1.76 13.87 -39.91
C ASP D 36 1.97 13.02 -38.66
N LEU D 37 0.89 12.45 -38.13
CA LEU D 37 1.02 11.59 -36.94
C LEU D 37 1.87 10.36 -37.26
N MET D 38 1.65 9.75 -38.42
CA MET D 38 2.44 8.58 -38.80
C MET D 38 3.91 8.94 -38.96
N ALA D 39 4.19 10.10 -39.54
CA ALA D 39 5.58 10.53 -39.69
C ALA D 39 6.23 10.76 -38.33
N TYR D 40 5.51 11.41 -37.42
CA TYR D 40 6.04 11.64 -36.07
C TYR D 40 6.32 10.30 -35.39
N CYS D 41 5.40 9.35 -35.49
CA CYS D 41 5.58 8.05 -34.86
C CYS D 41 6.78 7.33 -35.44
N GLU D 42 6.90 7.33 -36.78
CA GLU D 42 8.03 6.65 -37.41
C GLU D 42 9.35 7.32 -37.06
N ALA D 43 9.35 8.65 -36.87
CA ALA D 43 10.58 9.33 -36.51
C ALA D 43 10.99 9.03 -35.08
N HIS D 44 10.03 9.00 -34.16
CA HIS D 44 10.33 8.80 -32.75
C HIS D 44 10.37 7.32 -32.36
N ALA D 45 10.06 6.41 -33.27
CA ALA D 45 10.14 4.99 -32.94
C ALA D 45 11.55 4.55 -32.62
N LYS D 46 12.54 5.08 -33.33
CA LYS D 46 13.93 4.67 -33.12
C LYS D 46 14.41 4.99 -31.70
N GLU D 47 13.73 5.88 -30.99
CA GLU D 47 14.07 6.24 -29.62
C GLU D 47 12.93 5.88 -28.67
N ASP D 48 12.25 4.77 -28.93
CA ASP D 48 11.14 4.30 -28.10
C ASP D 48 11.55 3.03 -27.37
N PRO D 49 11.92 3.09 -26.08
CA PRO D 49 12.30 1.85 -25.39
C PRO D 49 11.20 0.81 -25.36
N LEU D 50 9.94 1.23 -25.19
CA LEU D 50 8.85 0.27 -25.16
C LEU D 50 8.75 -0.50 -26.47
N LEU D 51 8.64 0.23 -27.60
CA LEU D 51 8.56 -0.44 -28.89
C LEU D 51 9.82 -1.24 -29.18
N THR D 52 10.99 -0.65 -28.92
CA THR D 52 12.28 -1.30 -29.15
C THR D 52 12.95 -1.54 -27.80
N PRO D 53 12.74 -2.69 -27.16
CA PRO D 53 13.38 -2.95 -25.87
C PRO D 53 14.90 -2.80 -25.97
N VAL D 54 15.47 -2.09 -25.01
CA VAL D 54 16.91 -1.84 -24.96
C VAL D 54 17.57 -2.99 -24.20
N PRO D 55 18.84 -3.28 -24.45
CA PRO D 55 19.51 -4.37 -23.73
C PRO D 55 19.70 -4.03 -22.25
N ALA D 56 20.13 -5.05 -21.49
CA ALA D 56 20.36 -4.86 -20.07
C ALA D 56 21.51 -3.91 -19.78
N SER D 57 22.39 -3.68 -20.75
CA SER D 57 23.52 -2.78 -20.52
C SER D 57 23.06 -1.37 -20.22
N GLU D 58 21.90 -0.97 -20.75
CA GLU D 58 21.35 0.36 -20.55
C GLU D 58 20.07 0.37 -19.72
N ASN D 59 19.26 -0.68 -19.82
CA ASN D 59 18.01 -0.76 -19.07
C ASN D 59 18.28 -0.68 -17.58
N PRO D 60 17.86 0.40 -16.89
CA PRO D 60 18.13 0.48 -15.44
C PRO D 60 17.28 -0.47 -14.61
N PHE D 61 16.17 -0.97 -15.14
CA PHE D 61 15.30 -1.89 -14.42
C PHE D 61 15.83 -3.31 -14.58
N ARG D 62 16.56 -3.78 -13.57
CA ARG D 62 17.13 -5.12 -13.58
C ARG D 62 16.93 -5.73 -12.20
N GLU D 63 17.55 -6.90 -11.99
CA GLU D 63 17.44 -7.57 -10.70
C GLU D 63 18.23 -6.81 -9.64
N LYS D 64 17.56 -6.47 -8.54
CA LYS D 64 18.20 -5.74 -7.45
C LYS D 64 19.35 -6.56 -6.86
N VAL E 1 15.94 26.19 12.32
CA VAL E 1 17.12 25.29 12.39
C VAL E 1 18.22 25.94 13.21
N GLN E 2 18.51 25.35 14.38
CA GLN E 2 19.56 25.88 15.24
C GLN E 2 20.08 24.74 16.12
N LEU E 3 21.40 24.69 16.26
CA LEU E 3 22.07 23.68 17.08
C LEU E 3 22.95 24.39 18.10
N VAL E 4 22.74 24.10 19.37
CA VAL E 4 23.50 24.71 20.47
C VAL E 4 24.13 23.57 21.27
N GLU E 5 25.47 23.57 21.33
CA GLU E 5 26.19 22.55 22.08
C GLU E 5 26.55 23.06 23.47
N SER E 6 26.62 22.14 24.43
CA SER E 6 26.97 22.45 25.80
C SER E 6 27.86 21.32 26.34
N GLY E 7 28.77 21.70 27.22
CA GLY E 7 29.75 20.77 27.76
C GLY E 7 31.11 20.93 27.13
N GLY E 8 32.14 20.81 27.95
CA GLY E 8 33.50 20.97 27.50
C GLY E 8 34.36 21.56 28.61
N GLY E 9 35.08 22.62 28.26
CA GLY E 9 35.98 23.26 29.19
C GLY E 9 37.28 22.47 29.36
N LEU E 10 37.95 22.73 30.47
CA LEU E 10 39.16 22.00 30.82
C LEU E 10 38.78 20.70 31.49
N VAL E 11 39.31 19.58 30.98
CA VAL E 11 39.01 18.26 31.53
C VAL E 11 40.31 17.47 31.61
N GLN E 12 40.56 16.86 32.77
CA GLN E 12 41.75 16.05 32.93
C GLN E 12 41.67 14.80 32.07
N PRO E 13 42.81 14.16 31.79
CA PRO E 13 42.76 12.94 30.96
C PRO E 13 41.88 11.85 31.55
N GLY E 14 41.96 11.60 32.85
CA GLY E 14 41.18 10.55 33.47
C GLY E 14 39.71 10.89 33.66
N GLY E 15 39.29 12.11 33.37
CA GLY E 15 37.91 12.50 33.53
C GLY E 15 37.07 12.15 32.32
N SER E 16 35.77 12.45 32.42
CA SER E 16 34.82 12.18 31.37
C SER E 16 33.88 13.37 31.24
N ARG E 17 33.29 13.52 30.05
CA ARG E 17 32.43 14.66 29.77
C ARG E 17 31.24 14.22 28.93
N LYS E 18 30.06 14.74 29.26
CA LYS E 18 28.83 14.46 28.52
C LYS E 18 28.43 15.69 27.72
N LEU E 19 28.77 15.70 26.44
CA LEU E 19 28.41 16.81 25.56
C LEU E 19 26.96 16.66 25.12
N SER E 20 26.21 17.76 25.19
CA SER E 20 24.79 17.75 24.89
C SER E 20 24.48 18.82 23.84
N CYS E 21 23.94 18.40 22.72
CA CYS E 21 23.54 19.30 21.64
C CYS E 21 22.02 19.36 21.59
N SER E 22 21.47 20.56 21.81
CA SER E 22 20.03 20.76 21.77
C SER E 22 19.61 21.09 20.33
N ALA E 23 18.76 20.25 19.75
CA ALA E 23 18.29 20.43 18.39
C ALA E 23 16.91 21.06 18.39
N SER E 24 16.70 22.04 17.52
CA SER E 24 15.42 22.72 17.40
C SER E 24 15.33 23.37 16.03
N GLY E 25 14.10 23.48 15.55
CA GLY E 25 13.85 24.11 14.27
C GLY E 25 13.82 23.17 13.08
N PHE E 26 13.63 21.87 13.31
CA PHE E 26 13.58 20.90 12.22
C PHE E 26 13.16 19.55 12.81
N ALA E 27 12.92 18.59 11.92
CA ALA E 27 12.51 17.25 12.30
C ALA E 27 13.76 16.49 12.75
N PHE E 28 14.08 16.60 14.04
CA PHE E 28 15.26 15.94 14.57
C PHE E 28 15.17 14.42 14.41
N SER E 29 13.95 13.87 14.53
CA SER E 29 13.79 12.42 14.46
C SER E 29 14.22 11.88 13.10
N SER E 30 13.80 12.54 12.02
CA SER E 30 14.09 12.06 10.68
C SER E 30 15.53 12.30 10.25
N PHE E 31 16.21 13.26 10.86
CA PHE E 31 17.58 13.63 10.48
C PHE E 31 18.57 12.97 11.44
N GLY E 32 19.49 12.19 10.87
CA GLY E 32 20.58 11.64 11.65
C GLY E 32 21.63 12.69 11.95
N MET E 33 22.50 12.36 12.91
CA MET E 33 23.49 13.31 13.41
C MET E 33 24.88 12.71 13.33
N HIS E 34 25.83 13.52 12.86
CA HIS E 34 27.24 13.17 12.80
C HIS E 34 28.02 14.12 13.71
N TRP E 35 29.12 13.62 14.26
CA TRP E 35 30.05 14.43 15.04
C TRP E 35 31.36 14.56 14.26
N VAL E 36 31.84 15.78 14.12
CA VAL E 36 33.06 16.07 13.38
C VAL E 36 33.92 17.01 14.21
N ARG E 37 35.10 16.55 14.61
CA ARG E 37 36.01 17.36 15.40
C ARG E 37 36.92 18.18 14.50
N GLN E 38 37.59 19.16 15.10
CA GLN E 38 38.53 20.01 14.39
C GLN E 38 39.56 20.51 15.39
N ALA E 39 40.73 19.87 15.41
CA ALA E 39 41.78 20.26 16.33
C ALA E 39 42.41 21.58 15.89
N PRO E 40 43.10 22.26 16.79
CA PRO E 40 43.72 23.55 16.43
C PRO E 40 44.68 23.39 15.25
N GLU E 41 44.50 24.23 14.24
CA GLU E 41 45.34 24.23 13.04
C GLU E 41 45.41 22.83 12.43
N LYS E 42 44.24 22.19 12.33
CA LYS E 42 44.15 20.86 11.76
C LYS E 42 42.82 20.74 11.01
N GLY E 43 42.74 19.75 10.13
CA GLY E 43 41.55 19.51 9.34
C GLY E 43 40.46 18.83 10.15
N LEU E 44 39.33 18.63 9.49
CA LEU E 44 38.18 17.99 10.12
C LEU E 44 38.42 16.49 10.25
N GLU E 45 37.53 15.83 11.00
CA GLU E 45 37.61 14.39 11.21
C GLU E 45 36.29 13.90 11.79
N TRP E 46 35.73 12.87 11.17
CA TRP E 46 34.47 12.31 11.63
C TRP E 46 34.68 11.51 12.92
N VAL E 47 33.76 11.69 13.87
CA VAL E 47 33.84 11.05 15.18
C VAL E 47 32.86 9.88 15.29
N ALA E 48 31.57 10.15 15.15
CA ALA E 48 30.55 9.13 15.26
C ALA E 48 29.31 9.58 14.50
N TYR E 49 28.34 8.68 14.38
CA TYR E 49 27.12 8.97 13.64
C TYR E 49 25.98 8.10 14.18
N ILE E 50 24.79 8.69 14.25
CA ILE E 50 23.58 7.99 14.64
C ILE E 50 22.58 8.10 13.49
N SER E 51 21.93 6.99 13.18
CA SER E 51 20.93 6.97 12.12
C SER E 51 19.55 7.33 12.67
N SER E 52 18.58 7.47 11.77
CA SER E 52 17.22 7.78 12.17
C SER E 52 16.64 6.65 13.01
N GLY E 53 16.03 7.03 14.14
CA GLY E 53 15.44 6.04 15.02
C GLY E 53 16.44 5.21 15.78
N SER E 54 17.71 5.61 15.81
CA SER E 54 18.76 4.87 16.51
C SER E 54 18.87 3.43 16.01
N GLY E 55 18.55 3.22 14.73
CA GLY E 55 18.65 1.88 14.16
C GLY E 55 20.05 1.49 13.76
N THR E 56 20.89 2.47 13.43
CA THR E 56 22.27 2.21 13.01
C THR E 56 23.17 3.29 13.59
N ILE E 57 24.16 2.87 14.37
CA ILE E 57 25.13 3.76 14.98
C ILE E 57 26.52 3.32 14.55
N TYR E 58 27.36 4.29 14.16
CA TYR E 58 28.71 3.99 13.69
C TYR E 58 29.71 4.89 14.41
N TYR E 59 30.93 4.36 14.57
CA TYR E 59 32.02 5.07 15.21
C TYR E 59 33.27 4.96 14.36
N ALA E 60 34.18 5.91 14.52
CA ALA E 60 35.45 5.88 13.84
C ALA E 60 36.45 5.01 14.60
N ASP E 61 37.40 4.43 13.87
CA ASP E 61 38.40 3.58 14.51
C ASP E 61 39.16 4.32 15.60
N THR E 62 39.39 5.61 15.41
CA THR E 62 40.11 6.40 16.42
C THR E 62 39.30 6.56 17.70
N VAL E 63 37.97 6.39 17.64
CA VAL E 63 37.12 6.54 18.81
C VAL E 63 36.21 5.34 19.03
N LYS E 64 36.31 4.30 18.20
CA LYS E 64 35.44 3.13 18.35
C LYS E 64 35.66 2.47 19.70
N GLY E 65 34.59 2.36 20.47
CA GLY E 65 34.62 1.69 21.76
C GLY E 65 34.88 2.62 22.94
N ARG E 66 35.60 3.72 22.72
CA ARG E 66 35.94 4.61 23.83
C ARG E 66 34.81 5.58 24.13
N PHE E 67 34.26 6.22 23.09
CA PHE E 67 33.18 7.17 23.24
C PHE E 67 31.84 6.49 22.98
N THR E 68 30.77 7.09 23.50
CA THR E 68 29.42 6.53 23.36
C THR E 68 28.48 7.63 22.87
N ILE E 69 27.96 7.48 21.67
CA ILE E 69 27.01 8.44 21.11
C ILE E 69 25.60 7.92 21.30
N SER E 70 24.73 8.76 21.85
CA SER E 70 23.33 8.42 22.07
C SER E 70 22.45 9.55 21.55
N ARG E 71 21.15 9.29 21.50
CA ARG E 71 20.20 10.21 20.90
C ARG E 71 18.88 10.14 21.65
N ASP E 72 18.14 11.25 21.66
CA ASP E 72 16.83 11.33 22.32
C ASP E 72 15.90 12.10 21.39
N ASP E 73 15.12 11.37 20.59
CA ASP E 73 14.19 12.03 19.67
C ASP E 73 13.02 12.67 20.41
N PRO E 74 12.37 12.00 21.38
CA PRO E 74 11.32 12.68 22.14
C PRO E 74 11.77 14.00 22.75
N LYS E 75 12.98 14.04 23.30
CA LYS E 75 13.55 15.28 23.83
C LYS E 75 14.27 16.09 22.76
N ASN E 76 14.62 15.47 21.63
CA ASN E 76 15.32 16.16 20.54
C ASN E 76 16.69 16.65 21.01
N THR E 77 17.49 15.75 21.55
CA THR E 77 18.81 16.10 22.07
C THR E 77 19.81 15.02 21.71
N LEU E 78 21.00 15.43 21.28
CA LEU E 78 22.09 14.53 20.96
C LEU E 78 23.07 14.52 22.12
N PHE E 79 23.52 13.33 22.52
CA PHE E 79 24.41 13.16 23.65
C PHE E 79 25.65 12.40 23.23
N LEU E 80 26.80 12.83 23.78
CA LEU E 80 28.08 12.18 23.50
C LEU E 80 28.82 12.04 24.83
N GLN E 81 28.94 10.80 25.30
CA GLN E 81 29.68 10.50 26.52
C GLN E 81 31.12 10.18 26.16
N MET E 82 32.06 10.95 26.70
CA MET E 82 33.49 10.79 26.47
C MET E 82 34.09 10.31 27.78
N THR E 83 34.40 9.01 27.84
CA THR E 83 34.90 8.41 29.08
C THR E 83 36.36 8.78 29.32
N SER E 84 37.24 8.39 28.41
CA SER E 84 38.67 8.67 28.53
C SER E 84 39.07 9.75 27.54
N LEU E 85 40.01 10.59 27.95
CA LEU E 85 40.50 11.71 27.15
C LEU E 85 42.00 11.61 27.01
N ARG E 86 42.47 11.65 25.76
CA ARG E 86 43.90 11.61 25.47
C ARG E 86 44.44 13.02 25.24
N SER E 87 45.77 13.11 25.18
CA SER E 87 46.41 14.40 24.99
C SER E 87 46.15 14.99 23.60
N GLU E 88 45.63 14.18 22.67
CA GLU E 88 45.38 14.63 21.31
C GLU E 88 43.89 14.70 20.98
N ASP E 89 43.02 14.52 21.97
CA ASP E 89 41.59 14.59 21.74
C ASP E 89 41.04 16.01 21.81
N THR E 90 41.83 16.98 22.28
CA THR E 90 41.38 18.36 22.33
C THR E 90 41.02 18.85 20.94
N ALA E 91 39.76 19.22 20.75
CA ALA E 91 39.27 19.68 19.45
C ALA E 91 37.84 20.15 19.61
N MET E 92 37.43 21.03 18.70
CA MET E 92 36.06 21.54 18.70
C MET E 92 35.14 20.54 18.01
N TYR E 93 34.22 19.96 18.75
CA TYR E 93 33.29 18.97 18.22
C TYR E 93 32.06 19.67 17.66
N TYR E 94 31.74 19.39 16.40
CA TYR E 94 30.61 19.99 15.71
C TYR E 94 29.59 18.92 15.36
N CYS E 95 28.32 19.22 15.64
CA CYS E 95 27.22 18.34 15.28
C CYS E 95 26.66 18.77 13.92
N VAL E 96 26.45 17.79 13.04
CA VAL E 96 26.01 18.04 11.67
C VAL E 96 24.80 17.16 11.38
N ARG E 97 23.82 17.73 10.68
CA ARG E 97 22.65 16.96 10.27
C ARG E 97 22.96 16.16 9.01
N SER E 98 22.18 15.10 8.81
CA SER E 98 22.33 14.28 7.60
C SER E 98 21.06 13.46 7.42
N ILE E 99 20.37 13.67 6.30
CA ILE E 99 19.20 12.90 5.92
C ILE E 99 19.51 12.20 4.60
N TYR E 100 19.10 10.94 4.48
CA TYR E 100 19.47 10.09 3.35
C TYR E 100 18.23 9.75 2.55
N TYR E 101 18.12 10.33 1.35
CA TYR E 101 17.10 9.95 0.39
C TYR E 101 17.51 10.51 -0.97
N TYR E 102 16.87 10.00 -2.02
CA TYR E 102 17.21 10.41 -3.37
C TYR E 102 17.04 11.92 -3.52
N GLY E 103 18.14 12.61 -3.82
CA GLY E 103 18.13 14.05 -3.96
C GLY E 103 18.41 14.82 -2.69
N SER E 104 18.75 14.13 -1.60
CA SER E 104 19.01 14.80 -0.33
C SER E 104 20.38 15.47 -0.33
N SER E 105 20.49 16.53 0.45
CA SER E 105 21.75 17.25 0.61
C SER E 105 22.24 17.09 2.05
N PRO E 106 22.81 15.94 2.41
CA PRO E 106 23.26 15.75 3.79
C PRO E 106 24.43 16.66 4.13
N PHE E 107 24.67 16.80 5.43
CA PHE E 107 25.72 17.66 5.95
C PHE E 107 25.53 19.11 5.51
N ASP E 108 24.26 19.54 5.40
CA ASP E 108 23.98 20.89 4.93
C ASP E 108 24.14 21.92 6.04
N PHE E 109 23.76 21.57 7.27
CA PHE E 109 23.81 22.48 8.40
C PHE E 109 24.87 22.01 9.38
N TRP E 110 25.71 22.94 9.84
CA TRP E 110 26.77 22.66 10.80
C TRP E 110 26.55 23.48 12.05
N GLY E 111 26.59 22.82 13.21
CA GLY E 111 26.41 23.51 14.47
C GLY E 111 27.59 24.38 14.82
N GLN E 112 27.37 25.23 15.83
CA GLN E 112 28.42 26.14 16.28
C GLN E 112 29.57 25.39 16.94
N GLY E 113 29.28 24.27 17.60
CA GLY E 113 30.30 23.49 18.25
C GLY E 113 30.64 24.00 19.64
N THR E 114 31.48 23.22 20.33
CA THR E 114 31.91 23.57 21.68
C THR E 114 33.40 23.27 21.82
N THR E 115 34.08 24.05 22.64
CA THR E 115 35.52 23.91 22.84
C THR E 115 35.78 23.06 24.07
N LEU E 116 36.56 22.00 23.91
CA LEU E 116 36.93 21.10 25.00
C LEU E 116 38.43 20.89 24.95
N THR E 117 39.12 21.24 26.03
CA THR E 117 40.57 21.10 26.14
C THR E 117 40.90 20.07 27.20
N VAL E 118 41.91 19.25 26.93
CA VAL E 118 42.36 18.19 27.82
C VAL E 118 43.72 18.58 28.37
N SER E 119 43.80 18.76 29.68
CA SER E 119 45.05 19.13 30.33
C SER E 119 46.09 18.01 30.19
N ASP E 137 41.04 2.91 4.92
CA ASP E 137 40.31 4.17 4.81
C ASP E 137 40.74 4.92 3.55
N ILE E 138 39.75 5.49 2.86
CA ILE E 138 40.03 6.25 1.64
C ILE E 138 40.77 7.53 2.02
N VAL E 139 41.94 7.72 1.42
CA VAL E 139 42.76 8.90 1.71
C VAL E 139 42.38 10.02 0.75
N MET E 140 42.23 11.23 1.28
CA MET E 140 41.90 12.42 0.50
C MET E 140 43.03 13.42 0.68
N THR E 141 43.54 13.95 -0.44
CA THR E 141 44.66 14.88 -0.39
C THR E 141 44.42 16.04 -1.35
N GLN E 142 44.68 17.25 -0.86
CA GLN E 142 44.56 18.46 -1.67
C GLN E 142 45.94 18.89 -2.13
N ALA E 143 46.06 19.23 -3.42
CA ALA E 143 47.34 19.61 -3.97
C ALA E 143 47.91 20.84 -3.27
N THR E 144 47.21 21.96 -3.35
CA THR E 144 47.64 23.22 -2.76
C THR E 144 46.90 23.49 -1.46
N SER E 145 47.60 24.11 -0.51
CA SER E 145 47.03 24.49 0.78
C SER E 145 46.69 25.98 0.85
N SER E 146 47.66 26.84 0.54
CA SER E 146 47.46 28.28 0.53
C SER E 146 47.66 28.79 -0.89
N VAL E 147 46.66 29.49 -1.41
CA VAL E 147 46.70 30.03 -2.77
C VAL E 147 46.30 31.50 -2.74
N PRO E 148 47.20 32.40 -2.37
CA PRO E 148 46.84 33.83 -2.36
C PRO E 148 46.35 34.29 -3.72
N VAL E 149 45.18 34.93 -3.74
CA VAL E 149 44.58 35.43 -4.97
C VAL E 149 43.71 36.63 -4.62
N THR E 150 43.68 37.60 -5.52
CA THR E 150 42.89 38.81 -5.30
C THR E 150 41.43 38.57 -5.69
N PRO E 151 40.50 39.29 -5.06
CA PRO E 151 39.09 39.11 -5.42
C PRO E 151 38.85 39.43 -6.89
N GLY E 152 37.86 38.74 -7.46
CA GLY E 152 37.48 38.96 -8.84
C GLY E 152 37.99 37.89 -9.78
N GLU E 153 39.20 37.39 -9.53
CA GLU E 153 39.79 36.36 -10.38
C GLU E 153 39.28 34.99 -9.97
N SER E 154 39.09 34.12 -10.96
CA SER E 154 38.62 32.77 -10.69
C SER E 154 39.66 31.98 -9.90
N VAL E 155 39.19 30.94 -9.22
CA VAL E 155 40.05 30.11 -8.39
C VAL E 155 39.69 28.65 -8.65
N SER E 156 40.67 27.76 -8.44
CA SER E 156 40.50 26.33 -8.64
C SER E 156 41.21 25.59 -7.51
N ILE E 157 40.51 24.64 -6.90
CA ILE E 157 41.06 23.80 -5.83
C ILE E 157 40.96 22.36 -6.29
N SER E 158 42.09 21.67 -6.35
CA SER E 158 42.16 20.29 -6.81
C SER E 158 42.23 19.34 -5.64
N CYS E 159 41.68 18.14 -5.81
CA CYS E 159 41.67 17.11 -4.79
C CYS E 159 41.83 15.74 -5.43
N ARG E 160 42.40 14.81 -4.66
CA ARG E 160 42.68 13.47 -5.13
C ARG E 160 42.29 12.46 -4.06
N SER E 161 41.59 11.41 -4.46
CA SER E 161 41.15 10.34 -3.57
C SER E 161 41.91 9.07 -3.88
N SER E 162 42.29 8.34 -2.83
CA SER E 162 43.04 7.10 -3.02
C SER E 162 42.19 6.05 -3.73
N LYS E 163 40.90 5.99 -3.42
CA LYS E 163 39.99 5.03 -4.01
C LYS E 163 38.95 5.74 -4.86
N SER E 164 38.55 5.09 -5.95
CA SER E 164 37.55 5.66 -6.85
C SER E 164 36.22 5.81 -6.15
N LEU E 165 35.78 7.05 -5.94
CA LEU E 165 34.51 7.32 -5.28
C LEU E 165 33.31 7.06 -6.16
N LEU E 166 33.50 6.91 -7.47
CA LEU E 166 32.40 6.64 -8.38
C LEU E 166 31.82 5.25 -8.11
N HIS E 167 30.58 5.20 -7.66
CA HIS E 167 29.91 3.94 -7.34
C HIS E 167 29.19 3.40 -8.56
N SER E 168 28.95 2.08 -8.54
CA SER E 168 28.33 1.42 -9.68
C SER E 168 26.96 2.01 -10.00
N ASN E 169 26.29 2.59 -9.00
CA ASN E 169 24.97 3.16 -9.24
C ASN E 169 25.01 4.25 -10.30
N GLY E 170 26.12 4.95 -10.43
CA GLY E 170 26.28 6.01 -11.39
C GLY E 170 26.48 7.41 -10.83
N ASN E 171 26.96 7.53 -9.60
CA ASN E 171 27.21 8.84 -8.99
C ASN E 171 28.52 8.79 -8.22
N THR E 172 29.02 9.98 -7.90
CA THR E 172 30.28 10.14 -7.16
C THR E 172 29.97 10.76 -5.81
N TYR E 173 30.35 10.07 -4.73
CA TYR E 173 30.09 10.52 -3.37
C TYR E 173 31.22 11.46 -2.94
N LEU E 174 31.00 12.75 -3.18
CA LEU E 174 31.95 13.79 -2.82
C LEU E 174 31.21 14.98 -2.23
N TYR E 175 31.83 15.62 -1.25
CA TYR E 175 31.25 16.78 -0.59
C TYR E 175 32.34 17.83 -0.38
N TRP E 176 31.95 19.09 -0.57
CA TRP E 176 32.83 20.22 -0.34
C TRP E 176 32.22 21.13 0.72
N PHE E 177 33.03 21.54 1.69
CA PHE E 177 32.58 22.37 2.80
C PHE E 177 33.45 23.62 2.88
N LEU E 178 32.84 24.74 3.22
CA LEU E 178 33.53 26.02 3.36
C LEU E 178 33.41 26.50 4.80
N GLN E 179 34.55 26.69 5.46
CA GLN E 179 34.59 27.16 6.84
C GLN E 179 35.27 28.53 6.84
N ARG E 180 34.53 29.55 7.28
CA ARG E 180 35.05 30.90 7.35
C ARG E 180 35.62 31.19 8.73
N PRO E 181 36.44 32.23 8.87
CA PRO E 181 37.00 32.56 10.19
C PRO E 181 35.90 32.81 11.21
N GLY E 182 35.90 32.01 12.27
CA GLY E 182 34.91 32.18 13.32
C GLY E 182 33.54 31.66 12.96
N GLN E 183 33.43 30.81 11.94
CA GLN E 183 32.16 30.26 11.51
C GLN E 183 32.33 28.77 11.20
N SER E 184 31.26 28.02 11.36
CA SER E 184 31.29 26.59 11.11
C SER E 184 31.31 26.30 9.61
N PRO E 185 31.71 25.09 9.22
CA PRO E 185 31.74 24.77 7.79
C PRO E 185 30.36 24.88 7.16
N GLN E 186 30.35 25.22 5.88
CA GLN E 186 29.11 25.36 5.10
C GLN E 186 29.20 24.47 3.87
N LEU E 187 28.16 23.68 3.63
CA LEU E 187 28.14 22.77 2.50
C LEU E 187 28.04 23.55 1.19
N LEU E 188 29.02 23.38 0.31
CA LEU E 188 29.02 24.03 -0.99
C LEU E 188 28.41 23.14 -2.06
N ILE E 189 28.98 21.95 -2.27
CA ILE E 189 28.55 21.04 -3.31
C ILE E 189 28.51 19.63 -2.74
N TYR E 190 27.49 18.87 -3.11
CA TYR E 190 27.34 17.48 -2.70
C TYR E 190 27.16 16.60 -3.92
N ARG E 191 27.71 15.38 -3.84
CA ARG E 191 27.69 14.42 -4.94
C ARG E 191 28.48 14.91 -6.15
N MET E 192 29.32 15.92 -5.96
CA MET E 192 30.25 16.46 -6.97
C MET E 192 29.55 17.26 -8.05
N SER E 193 28.22 17.21 -8.14
CA SER E 193 27.51 17.93 -9.21
C SER E 193 26.27 18.74 -8.84
N ASN E 194 25.91 18.73 -7.56
CA ASN E 194 24.72 19.43 -7.08
C ASN E 194 25.14 20.55 -6.15
N LEU E 195 24.77 21.78 -6.49
CA LEU E 195 25.06 22.93 -5.66
C LEU E 195 24.09 22.98 -4.48
N ALA E 196 24.63 23.12 -3.28
CA ALA E 196 23.80 23.17 -2.09
C ALA E 196 22.87 24.38 -2.13
N SER E 197 21.69 24.22 -1.51
CA SER E 197 20.71 25.30 -1.48
C SER E 197 21.25 26.48 -0.67
N GLY E 198 21.09 27.69 -1.21
CA GLY E 198 21.54 28.89 -0.57
C GLY E 198 22.95 29.31 -0.90
N VAL E 199 23.72 28.47 -1.59
CA VAL E 199 25.10 28.78 -1.96
C VAL E 199 25.08 29.53 -3.29
N PRO E 200 25.91 30.57 -3.46
CA PRO E 200 25.92 31.27 -4.76
C PRO E 200 26.27 30.34 -5.90
N ASP E 201 25.79 30.69 -7.09
CA ASP E 201 26.07 29.89 -8.29
C ASP E 201 27.51 30.01 -8.75
N ARG E 202 28.31 30.91 -8.15
CA ARG E 202 29.69 31.06 -8.57
C ARG E 202 30.49 29.77 -8.37
N PHE E 203 30.11 28.96 -7.39
CA PHE E 203 30.82 27.72 -7.12
C PHE E 203 30.36 26.62 -8.07
N SER E 204 31.31 25.80 -8.51
CA SER E 204 31.01 24.66 -9.37
C SER E 204 31.97 23.54 -9.02
N GLY E 205 31.52 22.29 -9.23
CA GLY E 205 32.34 21.14 -8.93
C GLY E 205 32.30 20.14 -10.06
N SER E 206 33.45 19.51 -10.29
CA SER E 206 33.55 18.47 -11.31
C SER E 206 34.64 17.49 -10.88
N GLY E 207 34.79 16.42 -11.65
CA GLY E 207 35.80 15.44 -11.35
C GLY E 207 35.66 14.20 -12.21
N SER E 208 36.59 13.27 -11.98
CA SER E 208 36.63 12.02 -12.74
C SER E 208 37.36 10.98 -11.90
N GLY E 209 36.64 9.95 -11.48
CA GLY E 209 37.25 8.77 -10.89
C GLY E 209 37.88 9.04 -9.53
N THR E 210 39.01 9.76 -9.55
CA THR E 210 39.69 10.15 -8.32
C THR E 210 40.15 11.60 -8.30
N ALA E 211 40.17 12.30 -9.43
CA ALA E 211 40.66 13.67 -9.49
C ALA E 211 39.47 14.61 -9.57
N PHE E 212 39.30 15.46 -8.56
CA PHE E 212 38.17 16.36 -8.47
C PHE E 212 38.65 17.80 -8.41
N THR E 213 37.78 18.72 -8.81
CA THR E 213 38.12 20.13 -8.87
C THR E 213 36.91 20.98 -8.50
N LEU E 214 37.14 21.94 -7.61
CA LEU E 214 36.15 22.93 -7.20
C LEU E 214 36.58 24.28 -7.77
N THR E 215 35.75 24.84 -8.64
CA THR E 215 36.04 26.10 -9.32
C THR E 215 35.15 27.21 -8.80
N ILE E 216 35.70 28.41 -8.71
CA ILE E 216 34.99 29.62 -8.32
C ILE E 216 35.18 30.63 -9.43
N SER E 217 34.07 31.07 -10.04
CA SER E 217 34.15 31.99 -11.16
C SER E 217 34.81 33.30 -10.76
N ARG E 218 34.37 33.89 -9.65
CA ARG E 218 34.92 35.15 -9.17
C ARG E 218 34.95 35.13 -7.65
N LEU E 219 36.14 35.20 -7.08
CA LEU E 219 36.28 35.17 -5.63
C LEU E 219 35.84 36.51 -5.03
N GLU E 220 35.27 36.43 -3.82
CA GLU E 220 34.79 37.60 -3.10
C GLU E 220 35.27 37.52 -1.67
N ALA E 221 35.03 38.60 -0.92
CA ALA E 221 35.44 38.65 0.48
C ALA E 221 34.77 37.53 1.28
N GLU E 222 33.52 37.22 0.96
CA GLU E 222 32.81 36.17 1.67
C GLU E 222 33.42 34.79 1.43
N ASP E 223 34.23 34.65 0.38
CA ASP E 223 34.84 33.35 0.08
C ASP E 223 36.13 33.12 0.86
N VAL E 224 36.63 34.11 1.58
CA VAL E 224 37.84 33.91 2.38
C VAL E 224 37.56 32.84 3.42
N GLY E 225 38.38 31.79 3.41
CA GLY E 225 38.19 30.69 4.34
C GLY E 225 38.85 29.44 3.82
N VAL E 226 38.56 28.33 4.50
CA VAL E 226 39.14 27.04 4.19
C VAL E 226 38.10 26.17 3.50
N TYR E 227 38.54 25.43 2.48
CA TYR E 227 37.70 24.51 1.73
C TYR E 227 38.16 23.09 2.06
N TYR E 228 37.26 22.29 2.62
CA TYR E 228 37.53 20.91 2.98
C TYR E 228 36.76 19.97 2.06
N CYS E 229 37.37 18.83 1.75
CA CYS E 229 36.75 17.78 0.96
C CYS E 229 36.38 16.60 1.84
N MET E 230 35.37 15.85 1.40
CA MET E 230 34.92 14.68 2.14
C MET E 230 34.41 13.63 1.17
N GLN E 231 34.80 12.38 1.40
CA GLN E 231 34.32 11.24 0.63
C GLN E 231 33.27 10.49 1.45
N HIS E 232 32.22 10.03 0.77
CA HIS E 232 31.12 9.33 1.42
C HIS E 232 30.81 8.01 0.73
N LEU E 233 31.80 7.42 0.05
CA LEU E 233 31.60 6.10 -0.51
C LEU E 233 31.64 5.02 0.56
N GLU E 234 32.57 5.12 1.50
CA GLU E 234 32.62 4.23 2.66
C GLU E 234 32.38 5.07 3.91
N TYR E 235 31.68 4.46 4.87
CA TYR E 235 31.29 5.22 6.06
C TYR E 235 32.48 5.78 6.85
N PRO E 236 33.66 5.13 6.90
CA PRO E 236 34.80 5.81 7.54
C PRO E 236 35.23 7.02 6.74
N LEU E 237 34.97 8.21 7.27
CA LEU E 237 35.16 9.46 6.55
C LEU E 237 36.53 10.05 6.86
N THR E 238 37.25 10.45 5.82
CA THR E 238 38.54 11.11 5.94
C THR E 238 38.47 12.47 5.27
N PHE E 239 38.96 13.49 5.97
CA PHE E 239 38.96 14.86 5.48
C PHE E 239 40.37 15.28 5.11
N GLY E 240 40.47 16.13 4.09
CA GLY E 240 41.76 16.64 3.65
C GLY E 240 42.28 17.75 4.52
N ALA E 241 43.51 18.17 4.25
CA ALA E 241 44.13 19.25 5.01
C ALA E 241 43.32 20.54 4.86
N GLY E 242 42.68 20.74 3.73
CA GLY E 242 41.88 21.93 3.50
C GLY E 242 42.67 23.04 2.84
N THR E 243 42.13 23.60 1.75
CA THR E 243 42.80 24.66 1.00
C THR E 243 42.28 26.00 1.50
N LYS E 244 43.20 26.86 1.97
CA LYS E 244 42.83 28.15 2.51
C LYS E 244 42.99 29.23 1.44
N LEU E 245 41.99 30.10 1.35
CA LEU E 245 42.00 31.23 0.42
C LEU E 245 41.75 32.51 1.20
N GLU E 246 42.64 33.48 1.02
CA GLU E 246 42.53 34.78 1.69
C GLU E 246 43.08 35.85 0.76
N LEU E 247 42.37 36.98 0.69
CA LEU E 247 42.79 38.09 -0.16
C LEU E 247 44.20 38.56 0.20
C10 A1D5Q F . 1.12 -10.65 22.70
C13 A1D5Q F . 0.45 -7.11 22.49
C15 A1D5Q F . 1.31 -4.66 22.07
C17 A1D5Q F . -0.86 -3.23 22.61
C21 A1D5Q F . -3.10 -6.03 22.72
C22 A1D5Q F . -3.79 -7.02 23.67
C03 A1D5Q F . 0.31 -18.73 25.26
C04 A1D5Q F . 0.76 -17.59 24.34
C05 A1D5Q F . 1.16 -16.33 25.12
C06 A1D5Q F . 1.27 -15.12 24.17
C07 A1D5Q F . 2.12 -13.94 24.70
C08 A1D5Q F . 2.22 -12.77 23.69
C09 A1D5Q F . 0.98 -11.83 23.68
C11 A1D5Q F . 1.34 -9.32 23.45
C12 A1D5Q F . 1.62 -8.12 22.51
C14 A1D5Q F . 0.64 -5.93 21.48
C16 A1D5Q F . 0.50 -3.81 23.11
C18 A1D5Q F . -2.11 -3.89 23.25
O19 A1D5Q F . -3.02 -3.18 23.52
O20 A1D5Q F . -2.18 -5.28 23.50
C23 A1D5Q F . -4.64 -6.28 24.74
O24 A1D5Q F . -4.03 -6.31 26.03
P25 A1D5Q F . -4.83 -5.55 27.31
O26 A1D5Q F . -6.33 -5.63 27.17
O27 A1D5Q F . -4.46 -6.21 28.61
O28 A1D5Q F . -4.33 -3.97 27.38
C29 A1D5Q F . -5.10 -2.92 26.80
C30 A1D5Q F . -6.20 -2.48 27.79
O31 A1D5Q F . -5.92 -2.98 29.08
C32 A1D5Q F . -6.39 -0.96 27.95
O33 A1D5Q F . -7.25 -0.50 26.92
C34 A1D5Q F . -5.09 -0.12 27.99
O35 A1D5Q F . -4.82 0.21 29.32
C36 A1D5Q F . -3.83 -0.79 27.46
O37 A1D5Q F . -3.15 -1.42 28.53
C38 A1D5Q F . -4.11 -1.83 26.37
O39 A1D5Q F . -4.61 -1.13 25.26
O40 A1D5Q F . -2.81 -7.81 24.28
C41 A1D5Q F . -3.09 -9.19 24.21
O42 A1D5Q F . -3.72 -9.70 25.08
C43 A1D5Q F . -2.59 -10.04 23.03
C44 A1D5Q F . -3.75 -10.69 22.21
C45 A1D5Q F . -3.98 -10.10 20.79
C46 A1D5Q F . -3.58 -11.03 19.61
C47 A1D5Q F . -4.71 -12.00 19.15
C48 A1D5Q F . -4.92 -13.24 20.06
C49 A1D5Q F . -5.69 -14.37 19.31
C50 A1D5Q F . -5.89 -15.59 20.23
C51 A1D5Q F . -4.86 -16.40 20.54
C52 A1D5Q F . -4.71 -17.66 21.41
C53 A1D5Q F . -3.22 -17.90 21.75
C54 A1D5Q F . -2.97 -19.05 22.76
C55 A1D5Q F . -2.97 -20.45 22.09
C56 A1D5Q F . -2.81 -21.58 23.14
C57 A1D5Q F . -2.17 -22.84 22.53
C58 A1D5Q F . -2.33 -24.12 23.40
C59 A1D5Q F . -1.28 -24.20 24.52
H101 A1D5Q F . 0.21 -10.59 22.10
H2 A1D5Q F . 1.95 -10.83 22.04
H132 A1D5Q F . 0.31 -6.72 23.50
H131 A1D5Q F . -0.44 -7.64 22.21
H152 A1D5Q F . 2.23 -4.98 22.57
H151 A1D5Q F . 1.58 -4.01 21.24
H171 A1D5Q F . -0.92 -3.34 21.53
H172 A1D5Q F . -0.87 -2.17 22.85
H212 A1D5Q F . -2.57 -6.59 21.94
H211 A1D5Q F . -3.83 -5.38 22.25
H221 A1D5Q F . -4.45 -7.65 23.08
H031 A1D5Q F . -0.65 -18.49 25.69
H013 A1D5Q F . 1.04 -18.86 26.05
H032 A1D5Q F . 0.22 -19.66 24.68
H042 A1D5Q F . -0.07 -17.34 23.66
H041 A1D5Q F . 1.60 -17.94 23.73
H052 A1D5Q F . 0.42 -16.12 25.88
H051 A1D5Q F . 2.14 -16.50 25.59
H062 A1D5Q F . 0.26 -14.78 23.97
H061 A1D5Q F . 1.72 -15.47 23.24
H072 A1D5Q F . 3.12 -14.30 24.90
H071 A1D5Q F . 1.68 -13.59 25.63
H082 A1D5Q F . 2.36 -13.17 22.68
H081 A1D5Q F . 3.10 -12.17 23.94
H091 A1D5Q F . 0.81 -11.46 24.69
H1 A1D5Q F . 0.10 -12.41 23.39
H111 A1D5Q F . 2.19 -9.44 24.12
H112 A1D5Q F . 0.45 -9.10 24.04
H122 A1D5Q F . 1.77 -8.49 21.50
H121 A1D5Q F . 2.52 -7.61 22.85
H142 A1D5Q F . -0.34 -5.68 21.08
H141 A1D5Q F . 1.25 -6.28 20.65
H161 A1D5Q F . 0.33 -4.38 24.02
H162 A1D5Q F . 1.13 -2.96 23.39
H232 A1D5Q F . -4.80 -5.24 24.46
H231 A1D5Q F . -5.60 -6.77 24.79
H291 A1D5Q F . -5.59 -3.30 25.90
H301 A1D5Q F . -7.13 -2.90 27.45
H311 A1D5Q F . -4.98 -3.02 29.20
H321 A1D5Q F . -6.90 -0.80 28.90
H331 A1D5Q F . -6.90 -0.74 26.07
H341 A1D5Q F . -5.27 0.79 27.42
H351 A1D5Q F . -4.26 0.97 29.35
H361 A1D5Q F . -3.18 -0.02 27.03
H371 A1D5Q F . -2.21 -1.37 28.37
H381 A1D5Q F . -3.17 -2.31 26.10
H391 A1D5Q F . -4.37 -1.58 24.48
H431 A1D5Q F . -1.96 -9.43 22.40
H432 A1D5Q F . -1.97 -10.85 23.43
H441 A1D5Q F . -4.67 -10.59 22.75
H442 A1D5Q F . -3.51 -11.76 22.12
H452 A1D5Q F . -3.48 -9.13 20.69
H451 A1D5Q F . -5.04 -9.87 20.72
H461 A1D5Q F . -3.36 -10.39 18.75
H462 A1D5Q F . -2.69 -11.59 19.87
H471 A1D5Q F . -5.65 -11.47 19.12
H472 A1D5Q F . -4.46 -12.34 18.14
H481 A1D5Q F . -3.95 -13.63 20.37
H482 A1D5Q F . -5.49 -12.95 20.93
H492 A1D5Q F . -6.66 -13.98 19.03
H491 A1D5Q F . -5.14 -14.68 18.42
H501 A1D5Q F . -6.89 -15.80 20.62
H521 A1D5Q F . -5.29 -17.52 22.33
H532 A1D5Q F . -2.70 -18.12 20.82
H531 A1D5Q F . -2.81 -16.98 22.17
H542 A1D5Q F . -1.99 -18.88 23.21
H541 A1D5Q F . -3.73 -19.03 23.53
H551 A1D5Q F . -3.90 -20.61 21.58
H552 A1D5Q F . -2.14 -20.51 21.39
H561 A1D5Q F . -2.17 -21.22 23.96
H562 A1D5Q F . -3.79 -21.81 23.53
H571 A1D5Q F . -2.60 -23.01 21.55
H572 A1D5Q F . -1.10 -22.67 22.39
H581 A1D5Q F . -3.32 -24.15 23.82
H582 A1D5Q F . -2.19 -24.98 22.74
H591 A1D5Q F . -1.26 -23.27 25.09
H592 A1D5Q F . -0.29 -24.37 24.09
H593 A1D5Q F . -1.53 -25.03 25.18
C IMN G . 9.33 -43.86 13.96
C1 IMN G . 9.03 -44.16 15.27
C2 IMN G . 8.88 -45.50 15.65
C3 IMN G . 9.01 -46.53 14.72
C4 IMN G . 9.32 -46.23 13.42
C5 IMN G . 9.47 -44.91 13.05
C6 IMN G . 8.28 -48.62 14.01
C7 IMN G . 8.94 -42.93 15.94
C8 IMN G . 9.21 -41.95 15.00
C9 IMN G . 9.74 -41.90 12.50
C10 IMN G . 9.95 -40.44 12.12
C11 IMN G . 9.41 -39.97 10.94
C12 IMN G . 9.66 -38.69 10.53
C13 IMN G . 10.47 -37.88 11.29
C14 IMN G . 11.04 -38.36 12.45
C15 IMN G . 10.82 -39.65 12.84
C16 IMN G . 9.21 -40.47 15.36
C17 IMN G . 8.63 -42.70 17.42
C18 IMN G . 7.18 -42.97 17.78
N IMN G . 9.44 -42.52 13.82
O IMN G . 8.88 -47.88 15.03
O1 IMN G . 9.93 -42.58 11.57
O2 IMN G . 6.38 -43.25 16.86
O3 IMN G . 6.76 -42.90 18.95
CL IMN G . 10.78 -36.20 10.79
#